data_6QSI
#
_entry.id   6QSI
#
_cell.length_a   110.720
_cell.length_b   130.720
_cell.length_c   180.540
_cell.angle_alpha   90.00
_cell.angle_beta   90.00
_cell.angle_gamma   90.00
#
_symmetry.space_group_name_H-M   'C 2 2 21'
#
loop_
_entity.id
_entity.type
_entity.pdbx_description
1 polymer 'Benzoylformate decarboxylase'
2 non-polymer 'THIAMINE DIPHOSPHATE'
3 non-polymer 'SODIUM ION'
4 non-polymer 1,2-ETHANEDIOL
5 water water
#
_entity_poly.entity_id   1
_entity_poly.type   'polypeptide(L)'
_entity_poly.pdbx_seq_one_letter_code
;MKTVHSASYDILRQQGLTTVFGNPGSNELPFLKGFPEDFRYILGLHEGAVVGMADGFALASGQPAFVNLHAAAGTGNGMG
ALTNAWYSHSPLVITAGQQVRSMIGVEAMLANVDAPQLPKPLVKWSAEPACAEDVPRALSQAIHMANQAPKGPVYLSIPY
DDWARPAPAGVEHLARRQVATAGLPSAAQLRSLVQRLAAARNPVLVLGPDVDGSRSNHLAVQLAEKLRMPAWVAPSASRC
PFPTRHPSFRGVLPAAIAGISRCLADHDLILVVGAPVFRYHQFAPGDYLPAGTELLHITCDPGEAARAPMGDALVGDIVE
TLQALVWALPDCDRPQPQALPPAAPVEELGGLLRPETVFDVIDELAPKDAIYVKESTSTVGAFWQRVEMREPGSYYFPAA
GGLGFGLPAAVGVQLARPERRVIGVIGDGSANYGITALWTAAQYQIPVVFIILKNGTYGALRWFAGVLQVSDAPGLDVPG
LDFCAIGRGYGVHSVQANTREAFAQALSEALAGDRPVLIEVPTLTIEP
;
_entity_poly.pdbx_strand_id   A,B
#
# COMPACT_ATOMS: atom_id res chain seq x y z
N LYS A 2 26.31 -22.63 15.21
CA LYS A 2 25.61 -22.04 14.02
C LYS A 2 24.09 -22.07 14.24
N THR A 3 23.46 -20.96 13.92
CA THR A 3 22.01 -20.78 14.00
C THR A 3 21.39 -20.54 12.62
N VAL A 4 20.07 -20.61 12.55
CA VAL A 4 19.34 -20.22 11.34
C VAL A 4 19.73 -18.79 10.98
N HIS A 5 19.84 -17.92 11.98
CA HIS A 5 20.28 -16.50 11.78
C HIS A 5 21.67 -16.42 11.15
N SER A 6 22.68 -17.09 11.73
CA SER A 6 24.07 -16.98 11.16
C SER A 6 24.15 -17.59 9.76
N ALA A 7 23.46 -18.69 9.55
CA ALA A 7 23.44 -19.36 8.24
C ALA A 7 22.79 -18.51 7.18
N SER A 8 21.72 -17.83 7.56
CA SER A 8 21.01 -16.94 6.64
C SER A 8 21.83 -15.70 6.23
N TYR A 9 22.50 -15.05 7.17
CA TYR A 9 23.34 -13.89 6.80
C TYR A 9 24.56 -14.33 5.99
N ASP A 10 25.07 -15.54 6.20
CA ASP A 10 26.15 -16.09 5.40
C ASP A 10 25.69 -16.29 3.94
N ILE A 11 24.48 -16.85 3.76
CA ILE A 11 23.88 -16.92 2.44
C ILE A 11 23.72 -15.52 1.77
N LEU A 12 23.12 -14.57 2.46
CA LEU A 12 22.97 -13.22 1.89
C LEU A 12 24.34 -12.63 1.49
N ARG A 13 25.34 -12.74 2.37
CA ARG A 13 26.66 -12.16 2.07
C ARG A 13 27.30 -12.79 0.82
N GLN A 14 27.29 -14.11 0.72
CA GLN A 14 27.96 -14.76 -0.40
C GLN A 14 27.22 -14.59 -1.70
N GLN A 15 25.90 -14.40 -1.64
CA GLN A 15 25.12 -14.12 -2.83
C GLN A 15 25.13 -12.63 -3.21
N GLY A 16 25.67 -11.78 -2.34
CA GLY A 16 25.84 -10.35 -2.62
C GLY A 16 24.73 -9.42 -2.18
N LEU A 17 23.76 -9.91 -1.40
CA LEU A 17 22.64 -9.12 -0.93
C LEU A 17 22.95 -8.49 0.41
N THR A 18 23.77 -7.43 0.37
CA THR A 18 24.31 -6.82 1.56
C THR A 18 23.70 -5.44 1.85
N THR A 19 22.71 -5.02 1.05
CA THR A 19 21.89 -3.86 1.34
C THR A 19 20.46 -4.32 1.66
N VAL A 20 19.93 -3.92 2.82
CA VAL A 20 18.58 -4.35 3.24
C VAL A 20 17.71 -3.12 3.22
N PHE A 21 16.66 -3.12 2.41
CA PHE A 21 15.67 -2.04 2.40
C PHE A 21 14.54 -2.45 3.33
N GLY A 22 14.18 -1.63 4.31
CA GLY A 22 13.17 -2.08 5.27
C GLY A 22 12.40 -1.03 5.99
N ASN A 23 11.31 -1.47 6.60
CA ASN A 23 10.62 -0.74 7.69
C ASN A 23 10.34 -1.79 8.78
N PRO A 24 10.86 -1.58 9.99
CA PRO A 24 10.94 -2.63 11.01
C PRO A 24 9.63 -2.76 11.81
N GLY A 25 9.50 -3.92 12.46
CA GLY A 25 8.44 -4.22 13.38
C GLY A 25 8.94 -5.30 14.33
N SER A 26 8.12 -5.66 15.29
CA SER A 26 8.57 -6.56 16.36
C SER A 26 8.89 -7.97 15.81
N ASN A 27 8.13 -8.49 14.83
CA ASN A 27 8.42 -9.81 14.25
C ASN A 27 9.75 -9.84 13.47
N GLU A 28 10.33 -8.67 13.18
CA GLU A 28 11.57 -8.55 12.42
C GLU A 28 12.80 -8.31 13.27
N LEU A 29 12.58 -7.94 14.52
CA LEU A 29 13.71 -7.62 15.41
C LEU A 29 14.65 -8.81 15.62
N PRO A 30 14.10 -10.05 15.72
CA PRO A 30 15.04 -11.13 15.84
C PRO A 30 15.88 -11.43 14.59
N PHE A 31 15.42 -11.02 13.42
CA PHE A 31 16.23 -11.06 12.19
C PHE A 31 17.30 -9.93 12.22
N LEU A 32 16.87 -8.74 12.61
CA LEU A 32 17.76 -7.54 12.57
C LEU A 32 18.82 -7.52 13.69
N LYS A 33 18.60 -8.36 14.70
CA LYS A 33 19.59 -8.55 15.80
C LYS A 33 20.97 -8.84 15.20
N GLY A 34 21.99 -8.22 15.78
CA GLY A 34 23.35 -8.48 15.32
C GLY A 34 23.58 -8.12 13.88
N PHE A 35 22.83 -7.15 13.34
CA PHE A 35 22.99 -6.72 11.95
C PHE A 35 24.47 -6.46 11.66
N PRO A 36 25.04 -7.15 10.64
CA PRO A 36 26.50 -7.06 10.44
C PRO A 36 27.05 -5.71 10.00
N GLU A 37 28.29 -5.40 10.40
CA GLU A 37 28.85 -4.08 10.11
C GLU A 37 29.11 -3.91 8.62
N ASP A 38 29.30 -4.99 7.88
CA ASP A 38 29.46 -4.92 6.43
C ASP A 38 28.15 -4.89 5.64
N PHE A 39 27.00 -4.91 6.32
CA PHE A 39 25.70 -4.74 5.64
C PHE A 39 25.25 -3.28 5.83
N ARG A 40 24.32 -2.84 4.97
CA ARG A 40 23.72 -1.49 5.06
C ARG A 40 22.21 -1.66 5.19
N TYR A 41 21.59 -0.93 6.11
CA TYR A 41 20.11 -0.86 6.23
C TYR A 41 19.62 0.52 5.79
N ILE A 42 18.70 0.53 4.85
CA ILE A 42 18.05 1.73 4.31
C ILE A 42 16.61 1.76 4.80
N LEU A 43 16.35 2.65 5.76
CA LEU A 43 15.01 2.82 6.32
C LEU A 43 14.12 3.65 5.40
N GLY A 44 12.95 3.13 5.03
CA GLY A 44 11.85 3.95 4.51
C GLY A 44 10.72 4.06 5.53
N LEU A 45 9.98 5.18 5.52
CA LEU A 45 8.90 5.46 6.48
C LEU A 45 7.56 4.83 6.16
N HIS A 46 7.44 4.29 4.95
CA HIS A 46 6.23 3.60 4.44
C HIS A 46 6.68 2.53 3.45
N GLU A 47 5.99 1.39 3.44
CA GLU A 47 6.49 0.22 2.68
C GLU A 47 6.39 0.37 1.18
N GLY A 48 5.48 1.22 0.70
CA GLY A 48 5.46 1.51 -0.75
C GLY A 48 6.79 2.13 -1.21
N ALA A 49 7.33 3.00 -0.38
CA ALA A 49 8.61 3.59 -0.64
C ALA A 49 9.78 2.62 -0.46
N VAL A 50 9.71 1.76 0.56
CA VAL A 50 10.71 0.69 0.76
C VAL A 50 10.84 -0.17 -0.50
N VAL A 51 9.72 -0.70 -0.98
CA VAL A 51 9.74 -1.59 -2.13
C VAL A 51 10.21 -0.87 -3.40
N GLY A 52 9.72 0.33 -3.61
CA GLY A 52 10.14 1.12 -4.79
C GLY A 52 11.62 1.49 -4.77
N MET A 53 12.19 1.83 -3.60
CA MET A 53 13.64 2.01 -3.48
C MET A 53 14.43 0.77 -3.83
N ALA A 54 13.98 -0.37 -3.33
CA ALA A 54 14.61 -1.66 -3.63
C ALA A 54 14.55 -2.00 -5.12
N ASP A 55 13.42 -1.69 -5.73
CA ASP A 55 13.19 -1.89 -7.19
C ASP A 55 14.21 -1.06 -7.96
N GLY A 56 14.24 0.24 -7.74
CA GLY A 56 15.25 1.08 -8.40
C GLY A 56 16.67 0.58 -8.23
N PHE A 57 17.00 0.14 -7.01
CA PHE A 57 18.32 -0.34 -6.71
C PHE A 57 18.64 -1.64 -7.50
N ALA A 58 17.72 -2.58 -7.51
CA ALA A 58 17.93 -3.85 -8.20
C ALA A 58 18.08 -3.60 -9.69
N LEU A 59 17.23 -2.75 -10.27
CA LEU A 59 17.30 -2.47 -11.69
C LEU A 59 18.60 -1.77 -12.10
N ALA A 60 18.94 -0.70 -11.40
CA ALA A 60 20.16 0.07 -11.73
C ALA A 60 21.48 -0.63 -11.45
N SER A 61 21.50 -1.48 -10.41
CA SER A 61 22.66 -2.26 -10.04
C SER A 61 22.81 -3.54 -10.88
N GLY A 62 21.72 -4.01 -11.47
CA GLY A 62 21.71 -5.31 -12.17
C GLY A 62 21.92 -6.51 -11.28
N GLN A 63 21.55 -6.38 -10.01
CA GLN A 63 21.67 -7.42 -8.98
C GLN A 63 20.37 -7.54 -8.19
N PRO A 64 20.11 -8.74 -7.59
CA PRO A 64 18.94 -8.81 -6.70
C PRO A 64 18.98 -7.87 -5.50
N ALA A 65 17.81 -7.47 -5.00
CA ALA A 65 17.74 -6.57 -3.84
C ALA A 65 16.91 -7.22 -2.76
N PHE A 66 17.33 -7.08 -1.51
CA PHE A 66 16.67 -7.69 -0.34
C PHE A 66 15.81 -6.70 0.41
N VAL A 67 14.59 -7.12 0.72
CA VAL A 67 13.62 -6.29 1.43
C VAL A 67 13.16 -6.96 2.72
N ASN A 68 12.93 -6.19 3.79
CA ASN A 68 12.38 -6.76 5.04
C ASN A 68 11.20 -5.88 5.52
N LEU A 69 10.02 -6.48 5.54
CA LEU A 69 8.77 -5.81 5.87
C LEU A 69 8.09 -6.48 7.08
N HIS A 70 7.10 -5.79 7.61
CA HIS A 70 6.40 -6.24 8.83
C HIS A 70 5.08 -6.91 8.60
N ALA A 71 5.07 -8.24 8.75
CA ALA A 71 3.86 -9.04 8.82
C ALA A 71 2.93 -8.72 7.65
N ALA A 72 1.62 -8.80 7.86
CA ALA A 72 0.66 -8.63 6.76
C ALA A 72 0.48 -7.13 6.42
N ALA A 73 0.47 -6.24 7.40
CA ALA A 73 0.18 -4.85 7.08
C ALA A 73 1.32 -4.20 6.34
N GLY A 74 2.56 -4.49 6.74
CA GLY A 74 3.72 -4.06 5.98
C GLY A 74 3.80 -4.65 4.58
N THR A 75 3.54 -5.97 4.44
CA THR A 75 3.50 -6.57 3.11
C THR A 75 2.42 -5.86 2.26
N GLY A 76 1.24 -5.65 2.86
CA GLY A 76 0.12 -5.04 2.15
C GLY A 76 0.42 -3.64 1.64
N ASN A 77 1.05 -2.82 2.48
CA ASN A 77 1.41 -1.47 2.08
C ASN A 77 2.38 -1.42 0.91
N GLY A 78 3.15 -2.47 0.70
CA GLY A 78 4.09 -2.63 -0.41
C GLY A 78 3.54 -3.21 -1.69
N MET A 79 2.26 -3.62 -1.68
CA MET A 79 1.74 -4.40 -2.80
C MET A 79 1.51 -3.59 -4.08
N GLY A 80 1.17 -2.30 -4.01
CA GLY A 80 1.11 -1.51 -5.26
C GLY A 80 2.46 -1.46 -5.99
N ALA A 81 3.53 -1.28 -5.20
CA ALA A 81 4.88 -1.24 -5.76
C ALA A 81 5.28 -2.54 -6.47
N LEU A 82 4.74 -3.68 -5.98
CA LEU A 82 4.98 -4.96 -6.64
C LEU A 82 4.43 -5.06 -8.04
N THR A 83 3.36 -4.34 -8.37
CA THR A 83 2.80 -4.40 -9.72
C THR A 83 3.86 -3.90 -10.74
N ASN A 84 4.57 -2.78 -10.41
CA ASN A 84 5.61 -2.27 -11.29
C ASN A 84 6.82 -3.25 -11.39
N ALA A 85 7.22 -3.81 -10.25
CA ALA A 85 8.34 -4.76 -10.17
C ALA A 85 8.10 -6.02 -11.01
N TRP A 86 6.84 -6.44 -11.08
CA TRP A 86 6.46 -7.57 -11.98
C TRP A 86 6.80 -7.32 -13.45
N TYR A 87 6.32 -6.20 -13.99
CA TYR A 87 6.49 -5.91 -15.41
C TYR A 87 7.86 -5.36 -15.76
N SER A 88 8.64 -4.93 -14.76
CA SER A 88 10.03 -4.59 -14.98
C SER A 88 11.03 -5.77 -14.79
N HIS A 89 10.49 -6.98 -14.51
CA HIS A 89 11.34 -8.15 -14.23
C HIS A 89 12.39 -7.81 -13.14
N SER A 90 11.90 -7.25 -12.04
CA SER A 90 12.79 -6.84 -10.94
C SER A 90 13.02 -7.97 -9.91
N PRO A 91 14.27 -8.40 -9.73
CA PRO A 91 14.56 -9.53 -8.77
C PRO A 91 14.61 -9.06 -7.29
N LEU A 92 13.42 -8.92 -6.72
CA LEU A 92 13.27 -8.50 -5.32
C LEU A 92 13.00 -9.71 -4.44
N VAL A 93 13.81 -9.86 -3.39
CA VAL A 93 13.62 -10.90 -2.40
C VAL A 93 12.92 -10.23 -1.21
N ILE A 94 11.59 -10.38 -1.14
CA ILE A 94 10.75 -9.76 -0.09
C ILE A 94 10.61 -10.72 1.05
N THR A 95 11.12 -10.37 2.23
CA THR A 95 10.85 -11.15 3.44
C THR A 95 9.92 -10.34 4.38
N ALA A 96 9.07 -11.06 5.07
CA ALA A 96 8.20 -10.46 6.10
C ALA A 96 8.25 -11.31 7.37
N GLY A 97 8.33 -10.69 8.53
CA GLY A 97 8.35 -11.45 9.77
C GLY A 97 6.95 -11.88 10.20
N GLN A 98 6.91 -13.05 10.80
CA GLN A 98 5.67 -13.73 11.24
C GLN A 98 5.72 -13.93 12.76
N GLN A 99 4.55 -14.07 13.38
CA GLN A 99 4.44 -14.47 14.77
C GLN A 99 5.17 -15.79 15.06
N VAL A 100 5.43 -16.02 16.34
CA VAL A 100 5.91 -17.33 16.77
C VAL A 100 5.00 -18.45 16.25
N ARG A 101 5.61 -19.58 15.89
CA ARG A 101 4.84 -20.65 15.25
C ARG A 101 3.61 -21.06 16.03
N SER A 102 3.74 -21.22 17.35
CA SER A 102 2.59 -21.65 18.18
C SER A 102 1.44 -20.67 18.30
N MET A 103 1.62 -19.44 17.80
CA MET A 103 0.62 -18.35 17.93
C MET A 103 0.00 -17.97 16.58
N ILE A 104 0.42 -18.61 15.47
CA ILE A 104 -0.10 -18.28 14.16
C ILE A 104 -1.58 -18.75 13.97
N GLY A 105 -1.85 -20.00 14.29
CA GLY A 105 -3.22 -20.56 14.07
C GLY A 105 -4.32 -19.94 14.91
N VAL A 106 -3.98 -19.58 16.15
CA VAL A 106 -4.93 -18.91 17.02
C VAL A 106 -5.20 -17.45 16.55
N GLU A 107 -4.38 -16.94 15.62
CA GLU A 107 -4.49 -15.58 15.07
C GLU A 107 -4.23 -14.55 16.18
N ALA A 108 -3.10 -14.71 16.84
CA ALA A 108 -2.58 -13.65 17.69
C ALA A 108 -2.38 -12.36 16.90
N MET A 109 -2.31 -11.23 17.60
CA MET A 109 -2.02 -9.96 17.00
C MET A 109 -0.68 -10.09 16.27
N LEU A 110 -0.61 -9.57 15.06
CA LEU A 110 0.54 -9.66 14.14
C LEU A 110 0.77 -11.02 13.45
N ALA A 111 -0.14 -11.96 13.61
CA ALA A 111 -0.11 -13.18 12.80
C ALA A 111 -0.58 -12.85 11.36
N ASN A 112 0.24 -13.25 10.40
CA ASN A 112 -0.04 -13.04 8.99
C ASN A 112 -0.73 -14.33 8.52
N VAL A 113 -2.04 -14.29 8.37
CA VAL A 113 -2.82 -15.51 8.10
C VAL A 113 -2.76 -15.89 6.62
N ASP A 114 -2.55 -17.18 6.33
CA ASP A 114 -2.37 -17.65 4.94
C ASP A 114 -1.34 -16.78 4.17
N ALA A 115 -0.24 -16.49 4.87
CA ALA A 115 0.78 -15.54 4.38
C ALA A 115 1.19 -15.74 2.92
N PRO A 116 1.46 -16.98 2.48
CA PRO A 116 1.91 -17.11 1.06
C PRO A 116 0.93 -16.63 -0.01
N GLN A 117 -0.36 -16.59 0.32
CA GLN A 117 -1.40 -16.10 -0.61
C GLN A 117 -1.46 -14.56 -0.75
N LEU A 118 -1.02 -13.87 0.28
CA LEU A 118 -1.17 -12.41 0.37
C LEU A 118 -0.62 -11.68 -0.87
N PRO A 119 0.68 -11.85 -1.18
CA PRO A 119 1.30 -11.14 -2.34
C PRO A 119 0.90 -11.66 -3.73
N LYS A 120 0.27 -12.83 -3.81
CA LYS A 120 -0.18 -13.38 -5.11
C LYS A 120 -1.29 -12.49 -5.64
N PRO A 121 -1.35 -12.27 -6.95
CA PRO A 121 -0.54 -12.90 -8.00
C PRO A 121 0.70 -12.14 -8.45
N LEU A 122 1.25 -11.26 -7.60
CA LEU A 122 2.33 -10.36 -7.99
C LEU A 122 3.73 -10.87 -7.64
N VAL A 123 3.86 -12.16 -7.29
CA VAL A 123 5.16 -12.77 -7.05
C VAL A 123 5.31 -14.08 -7.85
N LYS A 124 6.53 -14.41 -8.22
CA LYS A 124 6.79 -15.64 -8.98
C LYS A 124 6.90 -16.88 -8.09
N TRP A 125 7.05 -16.66 -6.79
CA TRP A 125 7.20 -17.77 -5.80
C TRP A 125 6.92 -17.18 -4.42
N SER A 126 6.24 -17.96 -3.58
CA SER A 126 5.99 -17.53 -2.19
C SER A 126 5.92 -18.71 -1.28
N ALA A 127 6.44 -18.55 -0.07
CA ALA A 127 6.40 -19.66 0.92
C ALA A 127 6.47 -19.19 2.39
N GLU A 128 6.01 -20.07 3.28
CA GLU A 128 6.26 -19.96 4.70
C GLU A 128 6.81 -21.31 5.11
N PRO A 129 8.13 -21.38 5.40
CA PRO A 129 8.73 -22.70 5.67
C PRO A 129 8.02 -23.51 6.78
N ALA A 130 7.94 -24.84 6.59
CA ALA A 130 7.27 -25.66 7.52
C ALA A 130 8.01 -25.91 8.85
N CYS A 131 9.29 -25.51 8.90
CA CYS A 131 10.08 -25.63 10.12
C CYS A 131 11.28 -24.68 10.07
N ALA A 132 11.80 -24.34 11.25
CA ALA A 132 12.94 -23.42 11.35
C ALA A 132 14.12 -23.93 10.53
N GLU A 133 14.36 -25.23 10.59
CA GLU A 133 15.52 -25.80 9.92
C GLU A 133 15.53 -25.64 8.41
N ASP A 134 14.35 -25.48 7.79
CA ASP A 134 14.29 -25.27 6.33
C ASP A 134 14.44 -23.82 5.92
N VAL A 135 14.51 -22.91 6.86
CA VAL A 135 14.57 -21.47 6.51
C VAL A 135 15.79 -21.11 5.63
N PRO A 136 17.01 -21.56 6.01
CA PRO A 136 18.16 -21.18 5.18
C PRO A 136 18.01 -21.69 3.73
N ARG A 137 17.58 -22.96 3.54
CA ARG A 137 17.37 -23.46 2.18
C ARG A 137 16.25 -22.70 1.46
N ALA A 138 15.17 -22.34 2.17
CA ALA A 138 14.09 -21.57 1.59
C ALA A 138 14.56 -20.21 1.16
N LEU A 139 15.47 -19.60 1.91
CA LEU A 139 15.98 -18.28 1.53
C LEU A 139 16.88 -18.38 0.27
N SER A 140 17.67 -19.45 0.20
CA SER A 140 18.43 -19.78 -1.00
C SER A 140 17.48 -19.93 -2.21
N GLN A 141 16.40 -20.72 -2.03
CA GLN A 141 15.41 -20.94 -3.11
C GLN A 141 14.84 -19.62 -3.55
N ALA A 142 14.54 -18.74 -2.57
CA ALA A 142 13.97 -17.43 -2.89
C ALA A 142 14.88 -16.58 -3.78
N ILE A 143 16.14 -16.49 -3.38
CA ILE A 143 17.14 -15.70 -4.12
C ILE A 143 17.28 -16.29 -5.53
N HIS A 144 17.41 -17.63 -5.67
CA HIS A 144 17.60 -18.17 -7.02
C HIS A 144 16.33 -18.19 -7.89
N MET A 145 15.13 -18.24 -7.30
CA MET A 145 13.94 -18.02 -8.07
C MET A 145 13.82 -16.58 -8.57
N ALA A 146 14.14 -15.61 -7.73
CA ALA A 146 13.98 -14.16 -8.13
C ALA A 146 14.93 -13.77 -9.28
N ASN A 147 16.14 -14.35 -9.23
CA ASN A 147 17.25 -13.96 -10.12
C ASN A 147 17.38 -14.81 -11.38
N GLN A 148 16.48 -15.80 -11.56
CA GLN A 148 16.45 -16.56 -12.85
C GLN A 148 15.45 -15.95 -13.82
N ALA A 149 15.79 -15.91 -15.09
CA ALA A 149 14.85 -15.44 -16.11
C ALA A 149 13.55 -16.28 -16.17
N PRO A 150 12.36 -15.63 -16.33
CA PRO A 150 12.17 -14.16 -16.26
C PRO A 150 12.22 -13.65 -14.80
N LYS A 151 13.09 -12.66 -14.53
CA LYS A 151 13.35 -12.25 -13.16
C LYS A 151 12.11 -11.58 -12.61
N GLY A 152 11.94 -11.64 -11.29
CA GLY A 152 10.82 -11.01 -10.66
C GLY A 152 10.76 -11.19 -9.16
N PRO A 153 9.78 -10.54 -8.51
CA PRO A 153 9.72 -10.60 -7.05
C PRO A 153 9.27 -11.96 -6.50
N VAL A 154 9.77 -12.28 -5.30
CA VAL A 154 9.43 -13.48 -4.53
C VAL A 154 9.16 -13.08 -3.08
N TYR A 155 8.52 -13.97 -2.34
CA TYR A 155 8.12 -13.71 -0.94
C TYR A 155 8.36 -14.84 0.01
N LEU A 156 8.92 -14.48 1.18
CA LEU A 156 9.20 -15.44 2.25
C LEU A 156 8.70 -14.90 3.57
N SER A 157 7.84 -15.66 4.23
CA SER A 157 7.34 -15.35 5.58
C SER A 157 8.02 -16.22 6.61
N ILE A 158 8.63 -15.58 7.60
CA ILE A 158 9.49 -16.29 8.58
C ILE A 158 9.06 -16.04 10.03
N PRO A 159 8.52 -17.09 10.70
CA PRO A 159 8.16 -17.01 12.14
C PRO A 159 9.36 -16.53 12.97
N TYR A 160 9.18 -15.56 13.85
CA TYR A 160 10.33 -14.90 14.44
C TYR A 160 11.12 -15.75 15.41
N ASP A 161 10.51 -16.81 15.93
CA ASP A 161 11.23 -17.77 16.76
C ASP A 161 12.20 -18.73 16.01
N ASP A 162 12.17 -18.69 14.68
CA ASP A 162 13.05 -19.55 13.88
C ASP A 162 14.53 -19.12 13.97
N TRP A 163 14.81 -17.82 14.07
CA TRP A 163 16.18 -17.35 13.84
C TRP A 163 17.22 -17.92 14.85
N ALA A 164 16.81 -18.05 16.10
CA ALA A 164 17.69 -18.49 17.18
C ALA A 164 17.89 -19.99 17.22
N ARG A 165 17.12 -20.76 16.44
CA ARG A 165 17.24 -22.23 16.47
C ARG A 165 18.56 -22.67 15.82
N PRO A 166 19.05 -23.86 16.16
CA PRO A 166 20.27 -24.39 15.52
C PRO A 166 20.07 -24.65 14.03
N ALA A 167 21.11 -24.34 13.25
CA ALA A 167 21.09 -24.61 11.81
C ALA A 167 21.22 -26.13 11.67
N PRO A 168 20.59 -26.72 10.64
CA PRO A 168 20.67 -28.14 10.45
C PRO A 168 21.95 -28.61 9.83
N ALA A 169 22.26 -29.89 10.03
CA ALA A 169 23.37 -30.51 9.32
C ALA A 169 23.14 -30.34 7.82
N GLY A 170 24.20 -30.04 7.11
CA GLY A 170 24.13 -29.93 5.65
C GLY A 170 23.90 -28.53 5.14
N VAL A 171 23.64 -27.59 6.06
CA VAL A 171 23.39 -26.20 5.67
C VAL A 171 24.58 -25.52 4.95
N GLU A 172 25.78 -26.04 5.20
CA GLU A 172 27.02 -25.45 4.67
C GLU A 172 27.09 -25.47 3.15
N HIS A 173 26.26 -26.29 2.47
CA HIS A 173 26.25 -26.34 1.01
C HIS A 173 25.56 -25.16 0.33
N LEU A 174 24.77 -24.37 1.06
CA LEU A 174 23.87 -23.43 0.43
C LEU A 174 24.54 -22.16 -0.04
N ALA A 175 25.37 -21.56 0.81
CA ALA A 175 25.81 -20.15 0.51
C ALA A 175 26.58 -20.01 -0.83
N ARG A 176 27.33 -21.05 -1.19
CA ARG A 176 28.15 -21.05 -2.41
C ARG A 176 27.43 -21.41 -3.70
N ARG A 177 26.19 -21.88 -3.61
CA ARG A 177 25.48 -22.35 -4.80
C ARG A 177 25.39 -21.32 -5.91
N GLN A 178 25.69 -21.75 -7.13
CA GLN A 178 25.51 -20.95 -8.33
C GLN A 178 24.37 -21.55 -9.13
N VAL A 179 23.51 -20.69 -9.69
CA VAL A 179 22.45 -21.10 -10.65
C VAL A 179 22.63 -20.26 -11.90
N ALA A 180 23.05 -20.91 -12.99
CA ALA A 180 23.29 -20.27 -14.30
C ALA A 180 22.17 -20.66 -15.31
N THR A 181 21.86 -19.76 -16.22
CA THR A 181 20.78 -19.97 -17.21
C THR A 181 21.44 -20.04 -18.63
N ALA A 182 21.24 -21.16 -19.30
CA ALA A 182 21.75 -21.41 -20.65
C ALA A 182 20.66 -20.94 -21.63
N GLY A 183 20.96 -19.87 -22.38
CA GLY A 183 19.98 -19.29 -23.25
C GLY A 183 20.43 -18.89 -24.65
N LEU A 184 21.44 -19.58 -25.19
CA LEU A 184 21.89 -19.34 -26.56
C LEU A 184 20.98 -20.07 -27.57
N PRO A 185 20.71 -19.46 -28.71
CA PRO A 185 19.98 -20.19 -29.74
C PRO A 185 20.75 -21.37 -30.29
N SER A 186 20.00 -22.38 -30.71
CA SER A 186 20.62 -23.48 -31.49
C SER A 186 21.04 -22.99 -32.88
N ALA A 187 21.87 -23.78 -33.54
CA ALA A 187 22.28 -23.47 -34.91
C ALA A 187 21.06 -23.28 -35.83
N ALA A 188 20.08 -24.19 -35.74
CA ALA A 188 18.86 -24.05 -36.56
C ALA A 188 18.04 -22.81 -36.26
N GLN A 189 17.96 -22.44 -34.98
CA GLN A 189 17.18 -21.26 -34.56
C GLN A 189 17.85 -19.98 -35.07
N LEU A 190 19.18 -19.94 -35.02
CA LEU A 190 19.93 -18.79 -35.50
C LEU A 190 19.77 -18.69 -37.02
N ARG A 191 19.81 -19.84 -37.74
CA ARG A 191 19.66 -19.80 -39.20
C ARG A 191 18.32 -19.23 -39.60
N SER A 192 17.29 -19.58 -38.86
CA SER A 192 15.95 -19.11 -39.17
C SER A 192 15.84 -17.61 -39.04
N LEU A 193 16.37 -17.04 -37.93
CA LEU A 193 16.40 -15.58 -37.78
C LEU A 193 17.19 -14.89 -38.90
N VAL A 194 18.35 -15.43 -39.27
CA VAL A 194 19.17 -14.82 -40.32
C VAL A 194 18.45 -14.83 -41.66
N GLN A 195 17.91 -15.98 -42.04
CA GLN A 195 17.20 -16.13 -43.30
C GLN A 195 16.03 -15.15 -43.43
N ARG A 196 15.22 -15.07 -42.39
CA ARG A 196 14.06 -14.19 -42.41
C ARG A 196 14.42 -12.71 -42.41
N LEU A 197 15.40 -12.30 -41.61
CA LEU A 197 15.81 -10.91 -41.61
C LEU A 197 16.50 -10.51 -42.92
N ALA A 198 17.40 -11.35 -43.42
CA ALA A 198 18.13 -11.00 -44.63
C ALA A 198 17.21 -10.95 -45.86
N ALA A 199 16.14 -11.76 -45.87
CA ALA A 199 15.19 -11.76 -46.97
C ALA A 199 14.20 -10.61 -46.97
N ALA A 200 14.02 -9.92 -45.83
CA ALA A 200 13.01 -8.82 -45.74
C ALA A 200 13.37 -7.61 -46.64
N ARG A 201 12.36 -7.02 -47.28
CA ARG A 201 12.50 -5.76 -48.06
C ARG A 201 12.80 -4.53 -47.20
N ASN A 202 12.09 -4.43 -46.08
CA ASN A 202 12.13 -3.25 -45.25
C ASN A 202 11.82 -3.58 -43.77
N PRO A 203 12.78 -4.24 -43.09
CA PRO A 203 12.57 -4.59 -41.69
C PRO A 203 12.62 -3.40 -40.75
N VAL A 204 12.04 -3.59 -39.57
CA VAL A 204 12.08 -2.58 -38.50
C VAL A 204 12.31 -3.25 -37.14
N LEU A 205 13.03 -2.54 -36.27
CA LEU A 205 13.39 -2.98 -34.92
C LEU A 205 12.55 -2.30 -33.84
N VAL A 206 12.03 -3.07 -32.90
CA VAL A 206 11.25 -2.58 -31.77
C VAL A 206 11.85 -3.16 -30.47
N LEU A 207 12.10 -2.30 -29.50
CA LEU A 207 12.94 -2.63 -28.35
C LEU A 207 12.25 -2.29 -27.04
N GLY A 208 12.25 -3.24 -26.10
CA GLY A 208 11.66 -3.05 -24.79
C GLY A 208 12.62 -2.95 -23.64
N PRO A 209 12.10 -2.97 -22.38
CA PRO A 209 12.91 -2.66 -21.20
C PRO A 209 13.98 -3.73 -20.95
N ASP A 210 13.76 -4.99 -21.38
CA ASP A 210 14.78 -6.04 -21.17
C ASP A 210 16.03 -5.90 -22.03
N VAL A 211 15.98 -5.02 -23.04
CA VAL A 211 17.18 -4.65 -23.81
C VAL A 211 18.11 -3.83 -22.87
N ASP A 212 17.53 -2.90 -22.15
CA ASP A 212 18.31 -2.14 -21.14
C ASP A 212 18.73 -3.05 -19.97
N GLY A 213 17.78 -3.84 -19.46
CA GLY A 213 18.04 -4.76 -18.32
C GLY A 213 19.14 -5.77 -18.58
N SER A 214 19.23 -6.23 -19.82
CA SER A 214 20.26 -7.20 -20.22
C SER A 214 21.57 -6.57 -20.67
N ARG A 215 21.65 -5.24 -20.65
CA ARG A 215 22.80 -4.48 -21.17
C ARG A 215 23.11 -4.78 -22.66
N SER A 216 22.06 -4.78 -23.48
CA SER A 216 22.13 -5.10 -24.87
C SER A 216 22.00 -3.85 -25.73
N ASN A 217 22.02 -2.66 -25.11
CA ASN A 217 21.79 -1.41 -25.87
C ASN A 217 22.75 -1.28 -27.09
N HIS A 218 24.02 -1.48 -26.82
CA HIS A 218 25.04 -1.33 -27.88
C HIS A 218 24.85 -2.40 -28.97
N LEU A 219 24.49 -3.62 -28.56
CA LEU A 219 24.16 -4.65 -29.55
C LEU A 219 22.96 -4.27 -30.44
N ALA A 220 21.95 -3.63 -29.85
CA ALA A 220 20.78 -3.20 -30.57
C ALA A 220 21.16 -2.12 -31.60
N VAL A 221 22.08 -1.21 -31.24
CA VAL A 221 22.62 -0.25 -32.20
C VAL A 221 23.36 -0.97 -33.34
N GLN A 222 24.18 -1.97 -33.02
CA GLN A 222 24.88 -2.74 -34.07
C GLN A 222 23.92 -3.44 -35.01
N LEU A 223 22.85 -3.99 -34.43
CA LEU A 223 21.85 -4.71 -35.21
C LEU A 223 21.13 -3.76 -36.17
N ALA A 224 20.68 -2.60 -35.63
CA ALA A 224 20.01 -1.65 -36.46
C ALA A 224 20.90 -1.19 -37.61
N GLU A 225 22.14 -0.87 -37.31
CA GLU A 225 23.11 -0.46 -38.34
C GLU A 225 23.43 -1.56 -39.36
N LYS A 226 23.51 -2.82 -38.94
CA LYS A 226 23.83 -3.92 -39.87
C LYS A 226 22.73 -4.10 -40.92
N LEU A 227 21.47 -3.92 -40.53
CA LEU A 227 20.35 -4.08 -41.44
C LEU A 227 19.82 -2.73 -41.95
N ARG A 228 20.51 -1.62 -41.62
CA ARG A 228 20.11 -0.29 -42.11
C ARG A 228 18.63 -0.02 -41.84
N MET A 229 18.21 -0.33 -40.61
CA MET A 229 16.80 -0.21 -40.27
C MET A 229 16.52 0.78 -39.12
N PRO A 230 15.28 1.35 -39.11
CA PRO A 230 14.86 2.18 -37.95
C PRO A 230 14.64 1.35 -36.69
N ALA A 231 14.74 2.02 -35.54
CA ALA A 231 14.52 1.44 -34.24
C ALA A 231 13.51 2.26 -33.44
N TRP A 232 12.47 1.58 -32.93
CA TRP A 232 11.46 2.17 -32.02
C TRP A 232 11.55 1.53 -30.61
N VAL A 233 11.06 2.26 -29.61
CA VAL A 233 10.75 1.67 -28.30
C VAL A 233 9.33 1.05 -28.31
N ALA A 234 9.20 -0.16 -27.76
CA ALA A 234 7.91 -0.78 -27.58
C ALA A 234 6.98 0.09 -26.69
N PRO A 235 5.67 0.02 -26.92
CA PRO A 235 4.75 0.91 -26.16
C PRO A 235 4.74 0.70 -24.65
N SER A 236 4.26 1.69 -23.92
CA SER A 236 4.26 1.69 -22.45
C SER A 236 5.69 1.49 -21.91
N ALA A 237 6.57 2.41 -22.30
CA ALA A 237 7.99 2.27 -22.10
C ALA A 237 8.33 2.48 -20.66
N SER A 238 9.20 1.65 -20.10
CA SER A 238 9.65 1.77 -18.71
C SER A 238 11.15 2.03 -18.56
N ARG A 239 11.91 1.85 -19.64
CA ARG A 239 13.36 2.02 -19.70
C ARG A 239 13.71 2.51 -21.08
N CYS A 240 14.90 3.07 -21.25
CA CYS A 240 15.34 3.52 -22.57
C CYS A 240 16.40 2.56 -23.16
N PRO A 241 16.06 1.86 -24.26
CA PRO A 241 16.93 0.81 -24.80
C PRO A 241 17.83 1.24 -25.96
N PHE A 242 17.92 2.55 -26.29
CA PHE A 242 18.62 2.97 -27.52
C PHE A 242 18.97 4.44 -27.42
N PRO A 243 20.11 4.86 -27.97
CA PRO A 243 20.43 6.29 -27.92
C PRO A 243 19.45 7.16 -28.69
N THR A 244 18.86 8.16 -28.02
CA THR A 244 17.72 8.81 -28.57
C THR A 244 17.99 9.82 -29.67
N ARG A 245 19.25 10.19 -29.90
CA ARG A 245 19.59 11.03 -31.04
C ARG A 245 20.39 10.29 -32.10
N HIS A 246 20.45 8.97 -31.98
CA HIS A 246 20.97 8.16 -33.08
C HIS A 246 20.07 8.29 -34.30
N PRO A 247 20.64 8.34 -35.51
CA PRO A 247 19.79 8.62 -36.67
C PRO A 247 18.71 7.56 -36.99
N SER A 248 18.87 6.32 -36.53
CA SER A 248 17.83 5.31 -36.69
C SER A 248 16.67 5.40 -35.70
N PHE A 249 16.86 6.13 -34.59
CA PHE A 249 15.83 6.21 -33.55
C PHE A 249 14.54 6.87 -34.07
N ARG A 250 13.40 6.34 -33.69
CA ARG A 250 12.12 6.87 -34.12
C ARG A 250 11.13 7.20 -32.99
N GLY A 251 11.50 6.95 -31.74
CA GLY A 251 10.63 7.28 -30.65
C GLY A 251 9.93 6.09 -30.12
N VAL A 252 8.91 6.35 -29.31
CA VAL A 252 8.13 5.31 -28.65
C VAL A 252 6.87 5.06 -29.46
N LEU A 253 6.57 3.79 -29.72
CA LEU A 253 5.35 3.46 -30.41
C LEU A 253 4.10 3.84 -29.60
N PRO A 254 3.00 4.18 -30.31
CA PRO A 254 1.76 4.46 -29.61
C PRO A 254 1.18 3.17 -28.99
N ALA A 255 0.52 3.28 -27.84
CA ALA A 255 0.05 2.09 -27.10
C ALA A 255 -1.38 1.71 -27.57
N ALA A 256 -1.50 1.41 -28.86
CA ALA A 256 -2.79 1.22 -29.54
C ALA A 256 -2.68 0.23 -30.68
N ILE A 257 -3.64 -0.68 -30.77
CA ILE A 257 -3.60 -1.72 -31.81
C ILE A 257 -3.53 -1.08 -33.22
N ALA A 258 -4.51 -0.23 -33.50
CA ALA A 258 -4.57 0.45 -34.81
C ALA A 258 -3.38 1.37 -35.04
N GLY A 259 -2.93 2.03 -33.98
CA GLY A 259 -1.79 2.95 -34.08
C GLY A 259 -0.48 2.27 -34.51
N ILE A 260 -0.15 1.09 -33.95
CA ILE A 260 1.09 0.42 -34.32
C ILE A 260 1.06 -0.08 -35.79
N SER A 261 -0.06 -0.65 -36.25
CA SER A 261 -0.16 -1.10 -37.62
C SER A 261 -0.11 0.06 -38.64
N ARG A 262 -0.54 1.25 -38.23
CA ARG A 262 -0.34 2.49 -39.02
C ARG A 262 1.10 3.01 -39.05
N CYS A 263 1.73 3.20 -37.88
CA CYS A 263 3.13 3.61 -37.74
C CYS A 263 4.07 2.71 -38.56
N LEU A 264 3.82 1.40 -38.55
CA LEU A 264 4.74 0.40 -39.13
C LEU A 264 4.27 -0.18 -40.47
N ALA A 265 3.34 0.51 -41.14
CA ALA A 265 2.64 -0.01 -42.33
C ALA A 265 3.58 -0.37 -43.50
N ASP A 266 4.69 0.34 -43.64
CA ASP A 266 5.57 0.10 -44.79
C ASP A 266 6.59 -1.01 -44.56
N HIS A 267 6.60 -1.61 -43.36
CA HIS A 267 7.58 -2.63 -43.05
C HIS A 267 6.98 -4.02 -43.23
N ASP A 268 7.69 -4.90 -43.93
CA ASP A 268 7.22 -6.29 -44.17
C ASP A 268 7.58 -7.25 -43.03
N LEU A 269 8.50 -6.84 -42.17
CA LEU A 269 8.96 -7.66 -41.05
C LEU A 269 9.26 -6.77 -39.86
N ILE A 270 8.68 -7.12 -38.71
CA ILE A 270 8.89 -6.41 -37.44
C ILE A 270 9.63 -7.34 -36.51
N LEU A 271 10.73 -6.87 -35.93
CA LEU A 271 11.49 -7.64 -34.94
C LEU A 271 11.41 -6.97 -33.57
N VAL A 272 10.73 -7.63 -32.64
CA VAL A 272 10.50 -7.12 -31.31
C VAL A 272 11.47 -7.80 -30.36
N VAL A 273 12.31 -7.03 -29.65
CA VAL A 273 13.27 -7.63 -28.71
C VAL A 273 13.06 -7.13 -27.30
N GLY A 274 12.87 -8.04 -26.36
CA GLY A 274 12.89 -7.62 -24.95
C GLY A 274 11.67 -6.85 -24.46
N ALA A 275 10.51 -7.08 -25.12
CA ALA A 275 9.20 -6.49 -24.71
C ALA A 275 8.12 -7.53 -24.90
N PRO A 276 7.00 -7.37 -24.19
CA PRO A 276 5.81 -8.08 -24.66
C PRO A 276 5.28 -7.62 -26.02
N VAL A 277 4.49 -8.44 -26.67
CA VAL A 277 3.75 -8.06 -27.88
C VAL A 277 2.26 -7.99 -27.55
N PHE A 278 1.69 -6.78 -27.29
CA PHE A 278 2.30 -5.52 -26.94
C PHE A 278 1.54 -4.98 -25.74
N ARG A 279 2.17 -4.08 -24.98
CA ARG A 279 1.56 -3.36 -23.85
C ARG A 279 0.70 -2.19 -24.36
N TYR A 280 -0.38 -2.55 -25.06
CA TYR A 280 -1.37 -1.62 -25.53
C TYR A 280 -2.06 -0.95 -24.32
N HIS A 281 -2.63 0.23 -24.51
CA HIS A 281 -3.23 0.97 -23.38
C HIS A 281 -4.60 1.44 -23.78
N GLN A 282 -4.63 2.42 -24.68
CA GLN A 282 -5.91 2.98 -25.15
C GLN A 282 -6.65 1.98 -26.04
N PHE A 283 -7.97 2.04 -25.99
CA PHE A 283 -8.83 1.19 -26.82
C PHE A 283 -8.89 1.74 -28.24
N ALA A 284 -8.33 1.03 -29.21
CA ALA A 284 -8.19 1.50 -30.60
C ALA A 284 -8.25 0.30 -31.51
N PRO A 285 -9.44 -0.25 -31.68
CA PRO A 285 -9.53 -1.45 -32.48
C PRO A 285 -9.08 -1.23 -33.94
N GLY A 286 -8.58 -2.31 -34.53
CA GLY A 286 -8.10 -2.29 -35.91
C GLY A 286 -7.25 -3.50 -36.18
N ASP A 287 -6.29 -3.38 -37.09
CA ASP A 287 -5.44 -4.55 -37.44
C ASP A 287 -4.29 -4.71 -36.48
N TYR A 288 -4.04 -5.95 -36.01
CA TYR A 288 -2.84 -6.17 -35.19
C TYR A 288 -1.57 -5.86 -36.01
N LEU A 289 -1.58 -6.26 -37.28
CA LEU A 289 -0.44 -6.05 -38.19
C LEU A 289 -0.89 -5.55 -39.56
N PRO A 290 -0.01 -4.83 -40.26
CA PRO A 290 -0.27 -4.49 -41.65
C PRO A 290 -0.44 -5.75 -42.51
N ALA A 291 -1.29 -5.70 -43.53
CA ALA A 291 -1.46 -6.81 -44.46
C ALA A 291 -0.11 -7.26 -45.06
N GLY A 292 0.21 -8.54 -44.97
CA GLY A 292 1.48 -9.10 -45.46
C GLY A 292 2.69 -9.01 -44.54
N THR A 293 2.57 -8.31 -43.42
CA THR A 293 3.66 -8.18 -42.44
C THR A 293 3.75 -9.40 -41.50
N GLU A 294 4.98 -9.82 -41.25
CA GLU A 294 5.28 -10.88 -40.28
C GLU A 294 6.03 -10.27 -39.09
N LEU A 295 5.91 -10.92 -37.93
CA LEU A 295 6.56 -10.49 -36.73
C LEU A 295 7.38 -11.58 -36.11
N LEU A 296 8.60 -11.18 -35.71
CA LEU A 296 9.57 -12.03 -34.95
C LEU A 296 9.69 -11.43 -33.54
N HIS A 297 9.75 -12.27 -32.51
CA HIS A 297 9.74 -11.82 -31.12
C HIS A 297 10.87 -12.58 -30.40
N ILE A 298 11.78 -11.84 -29.79
CA ILE A 298 12.86 -12.38 -28.94
C ILE A 298 12.62 -11.87 -27.50
N THR A 299 12.47 -12.80 -26.56
CA THR A 299 12.04 -12.44 -25.21
C THR A 299 12.74 -13.37 -24.21
N CYS A 300 12.90 -12.89 -22.99
CA CYS A 300 13.38 -13.71 -21.90
C CYS A 300 12.27 -14.37 -21.10
N ASP A 301 11.02 -14.21 -21.51
CA ASP A 301 9.84 -14.53 -20.63
C ASP A 301 8.88 -15.48 -21.36
N PRO A 302 8.78 -16.73 -20.92
CA PRO A 302 7.85 -17.65 -21.62
C PRO A 302 6.39 -17.15 -21.64
N GLY A 303 5.97 -16.42 -20.61
CA GLY A 303 4.59 -15.97 -20.60
C GLY A 303 4.36 -14.89 -21.65
N GLU A 304 5.35 -14.02 -21.89
CA GLU A 304 5.27 -13.05 -23.01
C GLU A 304 5.15 -13.76 -24.37
N ALA A 305 5.93 -14.83 -24.55
CA ALA A 305 5.92 -15.59 -25.78
C ALA A 305 4.56 -16.28 -25.99
N ALA A 306 3.98 -16.80 -24.89
CA ALA A 306 2.75 -17.58 -24.96
C ALA A 306 1.53 -16.71 -25.26
N ARG A 307 1.50 -15.50 -24.67
CA ARG A 307 0.27 -14.72 -24.65
C ARG A 307 0.12 -13.80 -25.86
N ALA A 308 1.19 -13.62 -26.66
CA ALA A 308 1.15 -12.69 -27.82
C ALA A 308 0.09 -13.10 -28.81
N PRO A 309 -0.66 -12.13 -29.36
CA PRO A 309 -1.69 -12.48 -30.37
C PRO A 309 -1.16 -12.79 -31.78
N MET A 310 0.15 -12.58 -31.99
CA MET A 310 0.76 -12.78 -33.30
C MET A 310 2.27 -12.92 -33.13
N GLY A 311 2.90 -13.60 -34.11
CA GLY A 311 4.34 -13.65 -34.32
C GLY A 311 4.97 -14.93 -33.87
N ASP A 312 6.20 -15.14 -34.35
CA ASP A 312 7.01 -16.32 -34.02
C ASP A 312 8.02 -15.89 -32.98
N ALA A 313 8.00 -16.55 -31.82
CA ALA A 313 8.84 -16.17 -30.68
C ALA A 313 10.00 -17.11 -30.44
N LEU A 314 11.09 -16.53 -29.92
CA LEU A 314 12.26 -17.29 -29.48
C LEU A 314 12.56 -16.82 -28.08
N VAL A 315 12.57 -17.77 -27.14
CA VAL A 315 12.72 -17.44 -25.72
C VAL A 315 14.09 -17.81 -25.23
N GLY A 316 14.83 -16.81 -24.75
CA GLY A 316 16.20 -17.08 -24.27
C GLY A 316 16.97 -15.90 -23.76
N ASP A 317 18.31 -15.98 -23.91
CA ASP A 317 19.21 -14.97 -23.36
C ASP A 317 19.36 -13.86 -24.39
N ILE A 318 18.92 -12.64 -24.04
CA ILE A 318 18.87 -11.58 -25.04
C ILE A 318 20.26 -11.16 -25.50
N VAL A 319 21.18 -10.94 -24.57
CA VAL A 319 22.50 -10.46 -24.97
C VAL A 319 23.27 -11.54 -25.80
N GLU A 320 23.17 -12.81 -25.43
CA GLU A 320 23.83 -13.86 -26.23
C GLU A 320 23.19 -14.07 -27.62
N THR A 321 21.86 -13.97 -27.67
CA THR A 321 21.13 -14.04 -28.93
C THR A 321 21.47 -12.90 -29.86
N LEU A 322 21.49 -11.67 -29.38
CA LEU A 322 21.86 -10.55 -30.23
C LEU A 322 23.30 -10.62 -30.69
N GLN A 323 24.20 -11.04 -29.81
CA GLN A 323 25.60 -11.16 -30.19
C GLN A 323 25.74 -12.18 -31.34
N ALA A 324 25.02 -13.32 -31.26
CA ALA A 324 25.07 -14.33 -32.30
C ALA A 324 24.46 -13.82 -33.60
N LEU A 325 23.36 -13.08 -33.48
CA LEU A 325 22.69 -12.54 -34.65
C LEU A 325 23.54 -11.49 -35.38
N VAL A 326 24.16 -10.59 -34.65
CA VAL A 326 25.01 -9.59 -35.25
C VAL A 326 26.18 -10.25 -35.99
N TRP A 327 26.75 -11.32 -35.42
CA TRP A 327 27.84 -12.04 -36.06
C TRP A 327 27.43 -12.74 -37.34
N ALA A 328 26.23 -13.34 -37.34
CA ALA A 328 25.80 -14.22 -38.43
C ALA A 328 25.13 -13.50 -39.59
N LEU A 329 24.69 -12.25 -39.39
CA LEU A 329 23.99 -11.53 -40.48
C LEU A 329 24.93 -11.02 -41.59
N PRO A 330 24.44 -10.95 -42.83
CA PRO A 330 25.24 -10.33 -43.89
C PRO A 330 25.17 -8.82 -43.75
N ASP A 331 26.12 -8.08 -44.31
CA ASP A 331 25.92 -6.65 -44.49
C ASP A 331 24.87 -6.36 -45.58
N CYS A 332 24.35 -5.15 -45.51
CA CYS A 332 23.24 -4.71 -46.29
C CYS A 332 23.70 -3.40 -46.89
N ASP A 333 23.35 -3.14 -48.15
CA ASP A 333 23.67 -1.82 -48.71
C ASP A 333 22.44 -0.97 -49.08
N ARG A 334 21.34 -1.13 -48.36
CA ARG A 334 20.25 -0.17 -48.43
C ARG A 334 20.77 1.15 -47.79
N PRO A 335 20.13 2.29 -48.11
CA PRO A 335 20.62 3.56 -47.53
C PRO A 335 20.40 3.62 -45.99
N GLN A 336 21.26 4.33 -45.25
CA GLN A 336 21.06 4.52 -43.80
C GLN A 336 19.83 5.34 -43.51
N PRO A 337 19.12 4.99 -42.42
CA PRO A 337 18.02 5.85 -42.06
C PRO A 337 18.51 7.24 -41.66
N GLN A 338 17.72 8.25 -41.97
CA GLN A 338 18.04 9.63 -41.60
C GLN A 338 17.37 10.02 -40.29
N ALA A 339 18.04 10.87 -39.52
CA ALA A 339 17.59 11.24 -38.20
C ALA A 339 16.28 12.01 -38.21
N LEU A 340 15.55 11.89 -37.10
CA LEU A 340 14.41 12.72 -36.83
C LEU A 340 14.86 14.19 -36.73
N PRO A 341 13.98 15.11 -37.11
CA PRO A 341 14.31 16.53 -36.94
C PRO A 341 14.38 16.94 -35.45
N PRO A 342 15.20 17.95 -35.09
CA PRO A 342 15.18 18.37 -33.67
C PRO A 342 13.86 19.03 -33.28
N ALA A 343 13.48 18.97 -32.01
CA ALA A 343 12.25 19.61 -31.57
C ALA A 343 12.45 21.14 -31.61
N ALA A 344 11.47 21.87 -32.14
CA ALA A 344 11.49 23.35 -32.14
C ALA A 344 11.18 23.91 -30.74
N PRO A 345 11.72 25.11 -30.37
CA PRO A 345 11.12 25.68 -29.12
C PRO A 345 9.59 25.90 -29.27
N VAL A 346 8.88 25.90 -28.15
CA VAL A 346 7.45 26.13 -28.19
C VAL A 346 7.23 27.63 -28.15
N GLU A 347 6.02 28.03 -28.54
CA GLU A 347 5.61 29.44 -28.50
C GLU A 347 5.50 29.91 -27.04
N GLU A 348 5.98 31.12 -26.80
CA GLU A 348 5.79 31.78 -25.53
C GLU A 348 4.34 32.24 -25.44
N LEU A 349 3.63 31.82 -24.40
CA LEU A 349 2.19 32.12 -24.23
C LEU A 349 1.92 33.10 -23.08
N GLY A 350 2.93 33.39 -22.27
CA GLY A 350 2.79 34.33 -21.14
C GLY A 350 2.06 33.84 -19.88
N GLY A 351 1.88 32.56 -19.71
CA GLY A 351 1.31 32.09 -18.44
C GLY A 351 2.41 31.41 -17.63
N LEU A 352 2.03 30.35 -16.95
CA LEU A 352 3.00 29.52 -16.21
C LEU A 352 3.96 28.84 -17.19
N LEU A 353 5.10 28.40 -16.67
CA LEU A 353 6.08 27.68 -17.47
C LEU A 353 5.48 26.48 -18.20
N ARG A 354 5.89 26.30 -19.45
CA ARG A 354 5.44 25.12 -20.23
C ARG A 354 6.39 23.97 -19.98
N PRO A 355 5.85 22.76 -19.83
CA PRO A 355 6.77 21.64 -19.63
C PRO A 355 7.87 21.51 -20.67
N GLU A 356 7.55 21.79 -21.93
CA GLU A 356 8.53 21.75 -23.02
C GLU A 356 9.74 22.66 -22.72
N THR A 357 9.46 23.81 -22.15
CA THR A 357 10.51 24.75 -21.76
C THR A 357 11.41 24.19 -20.68
N VAL A 358 10.80 23.65 -19.62
CA VAL A 358 11.54 22.97 -18.56
C VAL A 358 12.48 21.86 -19.14
N PHE A 359 11.94 21.04 -20.06
CA PHE A 359 12.72 19.99 -20.66
C PHE A 359 13.88 20.51 -21.51
N ASP A 360 13.67 21.58 -22.29
CA ASP A 360 14.75 22.18 -23.06
C ASP A 360 15.91 22.63 -22.14
N VAL A 361 15.58 23.22 -20.99
CA VAL A 361 16.58 23.60 -20.01
C VAL A 361 17.32 22.39 -19.44
N ILE A 362 16.58 21.35 -19.06
CA ILE A 362 17.22 20.12 -18.57
C ILE A 362 18.20 19.59 -19.63
N ASP A 363 17.80 19.54 -20.91
CA ASP A 363 18.66 19.00 -21.99
C ASP A 363 19.94 19.85 -22.16
N GLU A 364 19.82 21.12 -21.91
CA GLU A 364 20.96 22.01 -21.95
C GLU A 364 21.93 21.90 -20.75
N LEU A 365 21.40 21.80 -19.53
CA LEU A 365 22.23 21.85 -18.31
C LEU A 365 22.63 20.53 -17.68
N ALA A 366 21.85 19.48 -17.89
CA ALA A 366 22.14 18.20 -17.24
C ALA A 366 23.38 17.54 -17.80
N PRO A 367 24.07 16.76 -16.95
CA PRO A 367 25.18 16.01 -17.55
C PRO A 367 24.71 15.01 -18.59
N LYS A 368 25.55 14.71 -19.56
CA LYS A 368 25.12 13.88 -20.67
C LYS A 368 24.97 12.43 -20.28
N ASP A 369 25.33 12.07 -19.05
CA ASP A 369 25.05 10.71 -18.55
C ASP A 369 24.18 10.77 -17.27
N ALA A 370 23.35 11.82 -17.17
CA ALA A 370 22.32 11.90 -16.11
C ALA A 370 21.42 10.67 -16.21
N ILE A 371 20.78 10.32 -15.11
CA ILE A 371 19.74 9.27 -15.10
C ILE A 371 18.41 9.93 -14.73
N TYR A 372 17.40 9.71 -15.55
CA TYR A 372 16.06 10.27 -15.32
C TYR A 372 15.08 9.27 -14.76
N VAL A 373 14.40 9.64 -13.70
CA VAL A 373 13.30 8.81 -13.16
C VAL A 373 12.01 9.62 -13.36
N LYS A 374 11.15 9.12 -14.23
CA LYS A 374 10.03 9.92 -14.71
C LYS A 374 8.69 9.34 -14.23
N GLU A 375 7.86 10.18 -13.58
CA GLU A 375 6.48 9.84 -13.17
C GLU A 375 5.67 11.15 -13.18
N SER A 376 5.42 11.63 -14.40
CA SER A 376 4.65 12.85 -14.73
C SER A 376 3.85 12.49 -16.00
N THR A 377 2.54 12.23 -15.86
CA THR A 377 1.91 11.34 -16.82
C THR A 377 1.44 12.04 -18.09
N SER A 378 1.20 13.34 -18.05
CA SER A 378 0.77 14.05 -19.25
C SER A 378 1.94 14.62 -20.07
N THR A 379 3.17 14.51 -19.57
CA THR A 379 4.35 15.13 -20.22
C THR A 379 5.32 14.15 -20.87
N VAL A 380 4.95 12.87 -20.99
CA VAL A 380 5.88 11.84 -21.44
C VAL A 380 6.36 12.07 -22.87
N GLY A 381 5.43 12.40 -23.78
CA GLY A 381 5.78 12.63 -25.17
C GLY A 381 6.80 13.72 -25.35
N ALA A 382 6.58 14.84 -24.65
CA ALA A 382 7.48 15.98 -24.73
C ALA A 382 8.86 15.64 -24.15
N PHE A 383 8.89 14.83 -23.09
CA PHE A 383 10.17 14.51 -22.49
C PHE A 383 11.01 13.70 -23.50
N TRP A 384 10.42 12.63 -24.05
CA TRP A 384 11.15 11.83 -25.02
C TRP A 384 11.61 12.60 -26.27
N GLN A 385 10.83 13.61 -26.69
CA GLN A 385 11.26 14.43 -27.82
C GLN A 385 12.41 15.36 -27.52
N ARG A 386 12.50 15.83 -26.27
CA ARG A 386 13.37 16.99 -25.91
C ARG A 386 14.62 16.71 -25.08
N VAL A 387 14.63 15.61 -24.31
CA VAL A 387 15.73 15.31 -23.40
C VAL A 387 16.52 14.14 -23.96
N GLU A 388 17.73 14.41 -24.48
CA GLU A 388 18.61 13.35 -25.00
C GLU A 388 19.04 12.33 -23.94
N MET A 389 18.94 11.05 -24.29
CA MET A 389 19.42 9.96 -23.48
C MET A 389 20.33 9.08 -24.33
N ARG A 390 21.63 9.33 -24.21
CA ARG A 390 22.69 8.77 -25.02
C ARG A 390 23.22 7.45 -24.48
N GLU A 391 23.26 7.28 -23.15
CA GLU A 391 23.88 6.12 -22.50
C GLU A 391 22.83 5.12 -21.99
N PRO A 392 23.22 3.86 -21.79
CA PRO A 392 22.33 2.90 -21.13
C PRO A 392 21.98 3.27 -19.69
N GLY A 393 20.89 2.71 -19.18
CA GLY A 393 20.47 2.94 -17.83
C GLY A 393 20.09 4.37 -17.49
N SER A 394 19.51 5.07 -18.44
CA SER A 394 19.25 6.51 -18.26
C SER A 394 17.80 6.89 -18.00
N TYR A 395 16.87 5.91 -17.99
CA TYR A 395 15.45 6.20 -17.85
C TYR A 395 14.73 5.12 -17.08
N TYR A 396 13.89 5.55 -16.15
CA TYR A 396 12.99 4.66 -15.42
C TYR A 396 11.61 5.29 -15.26
N PHE A 397 10.54 4.58 -15.66
CA PHE A 397 9.11 4.99 -15.58
C PHE A 397 8.35 3.72 -15.08
N PRO A 398 7.29 3.88 -14.27
CA PRO A 398 6.67 2.68 -13.68
C PRO A 398 6.12 1.70 -14.75
N ALA A 399 6.59 0.46 -14.74
CA ALA A 399 6.26 -0.47 -15.81
C ALA A 399 4.83 -0.94 -15.81
N ALA A 400 4.14 -0.86 -14.65
CA ALA A 400 2.67 -1.17 -14.55
C ALA A 400 1.81 0.07 -14.55
N GLY A 401 2.47 1.24 -14.66
CA GLY A 401 1.80 2.52 -14.48
C GLY A 401 1.35 2.85 -13.07
N GLY A 402 1.82 2.11 -12.07
CA GLY A 402 1.49 2.34 -10.67
C GLY A 402 2.22 3.54 -10.05
N LEU A 403 1.47 4.58 -9.75
CA LEU A 403 2.12 5.81 -9.26
C LEU A 403 2.63 5.64 -7.84
N GLY A 404 3.62 6.43 -7.45
CA GLY A 404 4.39 6.20 -6.20
C GLY A 404 5.75 5.50 -6.41
N PHE A 405 6.00 5.11 -7.65
CA PHE A 405 7.31 4.62 -8.09
C PHE A 405 8.41 5.71 -8.12
N GLY A 406 8.07 6.89 -8.59
CA GLY A 406 9.08 7.90 -8.91
C GLY A 406 9.97 8.37 -7.81
N LEU A 407 9.40 8.92 -6.76
CA LEU A 407 10.27 9.45 -5.69
C LEU A 407 11.14 8.35 -5.05
N PRO A 408 10.53 7.20 -4.69
CA PRO A 408 11.34 6.13 -4.12
C PRO A 408 12.36 5.51 -5.09
N ALA A 409 11.95 5.26 -6.31
CA ALA A 409 12.90 4.68 -7.26
C ALA A 409 14.09 5.58 -7.55
N ALA A 410 13.87 6.90 -7.55
CA ALA A 410 14.97 7.84 -7.74
C ALA A 410 16.02 7.65 -6.65
N VAL A 411 15.59 7.48 -5.39
CA VAL A 411 16.52 7.32 -4.27
C VAL A 411 17.27 5.98 -4.42
N GLY A 412 16.56 4.91 -4.76
CA GLY A 412 17.23 3.63 -4.97
C GLY A 412 18.23 3.57 -6.14
N VAL A 413 17.84 4.16 -7.28
CA VAL A 413 18.73 4.27 -8.43
C VAL A 413 20.01 5.10 -8.08
N GLN A 414 19.81 6.19 -7.36
CA GLN A 414 20.94 7.10 -7.03
C GLN A 414 21.89 6.38 -6.06
N LEU A 415 21.33 5.59 -5.13
CA LEU A 415 22.14 4.74 -4.26
C LEU A 415 22.97 3.66 -5.04
N ALA A 416 22.38 3.06 -6.05
CA ALA A 416 23.07 2.08 -6.89
C ALA A 416 24.14 2.70 -7.81
N ARG A 417 23.95 3.95 -8.22
CA ARG A 417 24.83 4.58 -9.20
C ARG A 417 25.35 5.93 -8.69
N PRO A 418 26.16 5.91 -7.63
CA PRO A 418 26.56 7.16 -7.00
C PRO A 418 27.43 8.02 -7.91
N GLU A 419 27.99 7.43 -8.97
CA GLU A 419 28.87 8.18 -9.91
C GLU A 419 28.09 8.98 -10.99
N ARG A 420 26.78 8.72 -11.10
CA ARG A 420 25.94 9.44 -12.04
C ARG A 420 24.96 10.28 -11.21
N ARG A 421 24.35 11.30 -11.82
CA ARG A 421 23.36 12.10 -11.12
C ARG A 421 21.95 11.78 -11.57
N VAL A 422 21.10 11.52 -10.58
CA VAL A 422 19.68 11.20 -10.78
C VAL A 422 18.80 12.45 -10.67
N ILE A 423 18.00 12.68 -11.72
CA ILE A 423 17.04 13.75 -11.79
C ILE A 423 15.65 13.12 -11.90
N GLY A 424 14.80 13.36 -10.89
CA GLY A 424 13.42 12.91 -10.89
C GLY A 424 12.54 13.95 -11.51
N VAL A 425 11.61 13.56 -12.38
CA VAL A 425 10.68 14.47 -13.03
C VAL A 425 9.29 13.93 -12.71
N ILE A 426 8.68 14.54 -11.69
CA ILE A 426 7.56 13.95 -10.96
C ILE A 426 6.38 14.93 -10.97
N GLY A 427 5.18 14.44 -11.25
CA GLY A 427 3.99 15.30 -11.11
C GLY A 427 3.57 15.58 -9.69
N ASP A 428 2.79 16.64 -9.50
CA ASP A 428 2.17 16.94 -8.20
C ASP A 428 1.24 15.84 -7.69
N GLY A 429 0.58 15.14 -8.59
CA GLY A 429 -0.26 14.00 -8.25
C GLY A 429 0.59 12.80 -7.84
N SER A 430 1.50 12.43 -8.73
CA SER A 430 2.32 11.25 -8.51
C SER A 430 3.20 11.35 -7.24
N ALA A 431 3.66 12.57 -6.93
CA ALA A 431 4.56 12.76 -5.77
C ALA A 431 3.95 12.18 -4.49
N ASN A 432 2.66 12.34 -4.29
CA ASN A 432 2.04 12.07 -3.00
C ASN A 432 1.87 10.60 -2.73
N TYR A 433 1.96 9.76 -3.77
CA TYR A 433 1.93 8.33 -3.50
C TYR A 433 3.24 7.77 -2.92
N GLY A 434 4.36 8.50 -2.98
CA GLY A 434 5.66 7.99 -2.50
C GLY A 434 6.45 9.09 -1.77
N ILE A 435 5.70 10.00 -1.14
CA ILE A 435 6.30 11.29 -0.65
C ILE A 435 7.39 11.11 0.42
N THR A 436 7.32 10.06 1.25
CA THR A 436 8.28 9.93 2.35
C THR A 436 9.66 9.51 1.87
N ALA A 437 9.84 9.17 0.59
CA ALA A 437 11.21 8.94 0.04
C ALA A 437 12.12 10.19 0.18
N LEU A 438 11.51 11.37 0.19
CA LEU A 438 12.26 12.61 0.46
C LEU A 438 13.06 12.49 1.74
N TRP A 439 12.44 11.92 2.77
CA TRP A 439 13.11 11.78 4.06
C TRP A 439 14.31 10.87 3.99
N THR A 440 14.15 9.70 3.36
CA THR A 440 15.28 8.78 3.21
C THR A 440 16.45 9.45 2.47
N ALA A 441 16.15 10.26 1.44
CA ALA A 441 17.21 11.00 0.73
C ALA A 441 17.93 11.97 1.64
N ALA A 442 17.15 12.67 2.50
CA ALA A 442 17.77 13.58 3.49
C ALA A 442 18.66 12.85 4.48
N GLN A 443 18.15 11.75 5.05
CA GLN A 443 18.83 11.05 6.12
C GLN A 443 20.16 10.42 5.69
N TYR A 444 20.19 9.90 4.48
CA TYR A 444 21.35 9.20 3.95
C TYR A 444 22.16 10.04 2.97
N GLN A 445 21.79 11.30 2.82
CA GLN A 445 22.43 12.21 1.87
C GLN A 445 22.61 11.65 0.46
N ILE A 446 21.51 11.16 -0.07
CA ILE A 446 21.44 10.67 -1.42
C ILE A 446 20.98 11.82 -2.33
N PRO A 447 21.87 12.32 -3.23
CA PRO A 447 21.63 13.67 -3.80
C PRO A 447 20.79 13.75 -5.06
N VAL A 448 19.58 13.19 -5.01
CA VAL A 448 18.64 13.28 -6.10
C VAL A 448 18.25 14.74 -6.29
N VAL A 449 18.11 15.14 -7.55
CA VAL A 449 17.42 16.41 -7.88
C VAL A 449 15.93 16.07 -8.14
N PHE A 450 15.05 16.37 -7.19
CA PHE A 450 13.63 16.08 -7.35
C PHE A 450 12.90 17.29 -7.95
N ILE A 451 12.48 17.20 -9.21
CA ILE A 451 11.71 18.26 -9.89
C ILE A 451 10.23 17.90 -9.84
N ILE A 452 9.43 18.78 -9.23
CA ILE A 452 7.99 18.57 -9.14
C ILE A 452 7.30 19.52 -10.10
N LEU A 453 6.69 18.95 -11.15
CA LEU A 453 5.89 19.76 -12.06
C LEU A 453 4.47 19.94 -11.47
N LYS A 454 4.14 21.16 -11.07
CA LYS A 454 2.93 21.45 -10.31
C LYS A 454 1.90 22.17 -11.17
N ASN A 455 1.00 21.39 -11.79
CA ASN A 455 -0.05 21.94 -12.64
C ASN A 455 -1.44 22.01 -11.99
N GLY A 456 -1.57 21.48 -10.79
CA GLY A 456 -2.81 21.61 -10.01
C GLY A 456 -3.87 20.50 -10.24
N THR A 457 -3.56 19.57 -11.13
CA THR A 457 -4.53 18.57 -11.57
C THR A 457 -3.91 17.19 -11.81
N TYR A 458 -4.80 16.20 -11.94
CA TYR A 458 -4.40 14.91 -12.47
C TYR A 458 -4.55 15.03 -14.01
N GLY A 459 -3.55 15.65 -14.64
CA GLY A 459 -3.72 16.12 -16.00
C GLY A 459 -4.02 15.05 -17.03
N ALA A 460 -3.31 13.96 -16.96
CA ALA A 460 -3.54 12.85 -17.88
C ALA A 460 -4.99 12.33 -17.81
N LEU A 461 -5.60 12.35 -16.62
CA LEU A 461 -6.99 11.86 -16.46
C LEU A 461 -7.97 12.87 -17.05
N ARG A 462 -7.66 14.17 -16.90
CA ARG A 462 -8.52 15.22 -17.47
C ARG A 462 -8.49 15.11 -18.98
N TRP A 463 -7.35 14.71 -19.54
CA TRP A 463 -7.22 14.58 -20.97
C TRP A 463 -8.12 13.45 -21.45
N PHE A 464 -7.90 12.29 -20.86
CA PHE A 464 -8.69 11.09 -21.12
C PHE A 464 -10.20 11.29 -20.92
N ALA A 465 -10.59 12.04 -19.89
CA ALA A 465 -12.00 12.38 -19.64
C ALA A 465 -12.58 13.22 -20.78
N GLY A 466 -11.82 14.22 -21.25
CA GLY A 466 -12.25 15.05 -22.36
C GLY A 466 -12.48 14.18 -23.57
N VAL A 467 -11.59 13.22 -23.80
CA VAL A 467 -11.70 12.30 -24.93
C VAL A 467 -13.03 11.52 -24.91
N LEU A 468 -13.48 11.10 -23.72
CA LEU A 468 -14.74 10.36 -23.58
C LEU A 468 -15.96 11.28 -23.44
N GLN A 469 -15.76 12.58 -23.66
CA GLN A 469 -16.81 13.61 -23.48
C GLN A 469 -17.43 13.59 -22.07
N VAL A 470 -16.62 13.24 -21.07
CA VAL A 470 -17.04 13.12 -19.68
C VAL A 470 -16.62 14.41 -19.00
N SER A 471 -17.60 15.13 -18.50
CA SER A 471 -17.32 16.39 -17.82
C SER A 471 -17.73 16.37 -16.36
N ASP A 472 -18.36 15.28 -15.91
CA ASP A 472 -18.96 15.21 -14.58
C ASP A 472 -18.18 14.30 -13.62
N ALA A 473 -16.98 13.85 -14.01
CA ALA A 473 -16.22 12.97 -13.13
C ALA A 473 -15.59 13.76 -11.97
N PRO A 474 -15.81 13.32 -10.72
CA PRO A 474 -15.15 13.96 -9.58
C PRO A 474 -13.70 13.55 -9.41
N GLY A 475 -12.98 14.28 -8.54
CA GLY A 475 -11.67 13.83 -8.08
C GLY A 475 -10.46 14.04 -8.99
N LEU A 476 -10.58 14.89 -10.01
CA LEU A 476 -9.47 15.04 -10.96
C LEU A 476 -8.51 16.22 -10.70
N ASP A 477 -8.80 17.01 -9.68
CA ASP A 477 -8.00 18.19 -9.33
C ASP A 477 -7.33 18.03 -7.97
N VAL A 478 -6.12 18.58 -7.88
CA VAL A 478 -5.28 18.47 -6.69
C VAL A 478 -4.72 19.87 -6.31
N PRO A 479 -5.63 20.81 -6.05
CA PRO A 479 -5.23 22.14 -5.57
C PRO A 479 -4.61 22.11 -4.14
N GLY A 480 -3.95 23.20 -3.76
CA GLY A 480 -3.58 23.44 -2.34
C GLY A 480 -2.43 22.60 -1.82
N LEU A 481 -1.39 22.46 -2.63
CA LEU A 481 -0.23 21.70 -2.21
C LEU A 481 0.98 22.61 -2.25
N ASP A 482 1.75 22.64 -1.15
CA ASP A 482 3.00 23.44 -1.13
C ASP A 482 4.19 22.51 -0.96
N PHE A 483 4.83 22.15 -2.06
CA PHE A 483 5.92 21.18 -1.99
C PHE A 483 7.19 21.70 -1.36
N CYS A 484 7.35 23.02 -1.29
CA CYS A 484 8.52 23.56 -0.55
C CYS A 484 8.36 23.27 0.93
N ALA A 485 7.15 23.49 1.45
CA ALA A 485 6.83 23.16 2.87
C ALA A 485 6.93 21.66 3.12
N ILE A 486 6.41 20.84 2.22
CA ILE A 486 6.51 19.37 2.40
C ILE A 486 8.00 18.90 2.36
N GLY A 487 8.76 19.34 1.36
CA GLY A 487 10.20 19.07 1.27
C GLY A 487 11.00 19.45 2.51
N ARG A 488 10.79 20.68 2.98
CA ARG A 488 11.46 21.12 4.22
C ARG A 488 11.03 20.30 5.42
N GLY A 489 9.76 19.90 5.46
CA GLY A 489 9.20 19.02 6.49
C GLY A 489 9.94 17.72 6.60
N TYR A 490 10.33 17.14 5.46
CA TYR A 490 11.07 15.88 5.46
C TYR A 490 12.59 16.08 5.43
N GLY A 491 13.05 17.33 5.51
CA GLY A 491 14.48 17.64 5.60
C GLY A 491 15.28 17.96 4.34
N VAL A 492 14.57 18.18 3.23
CA VAL A 492 15.19 18.43 1.94
C VAL A 492 15.15 19.92 1.60
N HIS A 493 16.31 20.46 1.22
CA HIS A 493 16.40 21.85 0.71
C HIS A 493 15.46 22.03 -0.47
N SER A 494 14.58 23.03 -0.37
CA SER A 494 13.52 23.21 -1.35
C SER A 494 13.44 24.64 -1.90
N VAL A 495 13.14 24.76 -3.19
CA VAL A 495 13.08 26.02 -3.88
C VAL A 495 11.99 26.03 -4.91
N GLN A 496 11.32 27.18 -5.05
CA GLN A 496 10.31 27.30 -6.08
C GLN A 496 10.89 28.10 -7.25
N ALA A 497 10.70 27.58 -8.47
CA ALA A 497 11.18 28.20 -9.69
C ALA A 497 10.02 28.51 -10.62
N ASN A 498 9.76 29.81 -10.80
CA ASN A 498 8.60 30.26 -11.58
C ASN A 498 8.88 30.62 -13.04
N THR A 499 10.12 30.97 -13.38
CA THR A 499 10.50 31.35 -14.74
C THR A 499 11.63 30.47 -15.26
N ARG A 500 11.88 30.55 -16.57
CA ARG A 500 12.92 29.75 -17.19
C ARG A 500 14.27 30.06 -16.53
N GLU A 501 14.54 31.37 -16.31
CA GLU A 501 15.82 31.75 -15.68
C GLU A 501 15.97 31.25 -14.24
N ALA A 502 14.89 31.32 -13.47
CA ALA A 502 14.90 30.82 -12.11
C ALA A 502 15.09 29.30 -12.09
N PHE A 503 14.44 28.59 -13.03
CA PHE A 503 14.60 27.14 -13.09
C PHE A 503 16.06 26.74 -13.45
N ALA A 504 16.64 27.44 -14.42
CA ALA A 504 18.02 27.16 -14.82
C ALA A 504 18.98 27.31 -13.63
N GLN A 505 18.80 28.40 -12.88
CA GLN A 505 19.66 28.70 -11.72
C GLN A 505 19.50 27.62 -10.64
N ALA A 506 18.26 27.23 -10.38
CA ALA A 506 17.98 26.20 -9.39
C ALA A 506 18.57 24.85 -9.80
N LEU A 507 18.40 24.45 -11.06
CA LEU A 507 18.95 23.18 -11.50
C LEU A 507 20.47 23.19 -11.48
N SER A 508 21.08 24.25 -12.00
CA SER A 508 22.55 24.43 -11.92
C SER A 508 23.10 24.32 -10.49
N GLU A 509 22.48 25.01 -9.56
CA GLU A 509 22.95 24.99 -8.18
C GLU A 509 22.76 23.61 -7.54
N ALA A 510 21.63 22.96 -7.83
CA ALA A 510 21.41 21.58 -7.32
C ALA A 510 22.46 20.64 -7.85
N LEU A 511 22.70 20.68 -9.16
CA LEU A 511 23.67 19.79 -9.80
C LEU A 511 25.09 20.02 -9.27
N ALA A 512 25.42 21.26 -8.92
CA ALA A 512 26.75 21.58 -8.40
C ALA A 512 26.96 21.07 -6.97
N GLY A 513 25.87 20.83 -6.23
CA GLY A 513 25.93 20.44 -4.83
C GLY A 513 25.95 18.93 -4.66
N ASP A 514 26.06 18.50 -3.41
CA ASP A 514 26.06 17.08 -3.05
C ASP A 514 24.95 16.71 -2.04
N ARG A 515 23.87 17.50 -2.03
CA ARG A 515 22.68 17.22 -1.21
C ARG A 515 21.45 17.05 -2.08
N PRO A 516 20.40 16.31 -1.59
CA PRO A 516 19.14 16.32 -2.30
C PRO A 516 18.52 17.72 -2.33
N VAL A 517 17.85 18.04 -3.43
CA VAL A 517 17.12 19.29 -3.57
C VAL A 517 15.77 19.04 -4.22
N LEU A 518 14.73 19.72 -3.74
CA LEU A 518 13.40 19.67 -4.39
C LEU A 518 13.17 21.03 -5.08
N ILE A 519 12.85 20.97 -6.36
CA ILE A 519 12.57 22.16 -7.18
C ILE A 519 11.10 22.10 -7.58
N GLU A 520 10.29 23.02 -7.04
CA GLU A 520 8.87 23.06 -7.30
C GLU A 520 8.64 23.97 -8.50
N VAL A 521 8.06 23.43 -9.57
CA VAL A 521 7.86 24.22 -10.80
C VAL A 521 6.38 24.31 -11.17
N PRO A 522 5.70 25.44 -10.87
CA PRO A 522 4.35 25.59 -11.39
C PRO A 522 4.34 25.56 -12.93
N THR A 523 3.46 24.73 -13.51
CA THR A 523 3.41 24.52 -14.95
C THR A 523 2.01 24.70 -15.56
N LEU A 524 2.01 25.11 -16.83
CA LEU A 524 0.82 25.24 -17.64
C LEU A 524 0.14 23.92 -17.88
N THR A 525 -1.19 23.93 -17.77
CA THR A 525 -1.98 22.80 -18.25
C THR A 525 -3.22 23.35 -18.96
N ILE A 526 -3.64 22.67 -20.00
CA ILE A 526 -4.79 23.09 -20.81
C ILE A 526 -5.99 22.12 -20.68
N LYS B 2 -32.10 1.67 -19.91
CA LYS B 2 -31.26 1.33 -18.70
C LYS B 2 -29.94 0.68 -19.08
N THR B 3 -28.87 1.13 -18.45
CA THR B 3 -27.51 0.56 -18.65
C THR B 3 -27.02 -0.10 -17.34
N VAL B 4 -25.91 -0.81 -17.45
CA VAL B 4 -25.27 -1.42 -16.28
C VAL B 4 -24.92 -0.27 -15.31
N HIS B 5 -24.46 0.87 -15.85
CA HIS B 5 -24.21 2.09 -15.06
C HIS B 5 -25.43 2.58 -14.27
N SER B 6 -26.56 2.82 -14.97
CA SER B 6 -27.78 3.33 -14.29
C SER B 6 -28.29 2.31 -13.21
N ALA B 7 -28.26 1.02 -13.54
CA ALA B 7 -28.74 0.01 -12.61
C ALA B 7 -27.86 -0.06 -11.37
N SER B 8 -26.56 0.13 -11.56
CA SER B 8 -25.60 0.01 -10.44
C SER B 8 -25.76 1.20 -9.49
N TYR B 9 -25.89 2.41 -10.01
CA TYR B 9 -26.12 3.55 -9.11
C TYR B 9 -27.46 3.49 -8.40
N ASP B 10 -28.46 2.89 -9.07
CA ASP B 10 -29.77 2.67 -8.42
C ASP B 10 -29.65 1.73 -7.20
N ILE B 11 -28.91 0.62 -7.36
CA ILE B 11 -28.60 -0.27 -6.27
C ILE B 11 -27.86 0.44 -5.12
N LEU B 12 -26.78 1.15 -5.42
CA LEU B 12 -26.05 1.90 -4.38
C LEU B 12 -26.95 2.87 -3.65
N ARG B 13 -27.81 3.56 -4.39
CA ARG B 13 -28.70 4.58 -3.78
C ARG B 13 -29.68 3.93 -2.83
N GLN B 14 -30.36 2.91 -3.31
CA GLN B 14 -31.38 2.26 -2.49
C GLN B 14 -30.78 1.53 -1.26
N GLN B 15 -29.57 0.98 -1.40
CA GLN B 15 -28.89 0.32 -0.35
C GLN B 15 -28.21 1.33 0.60
N GLY B 16 -28.19 2.61 0.25
CA GLY B 16 -27.64 3.64 1.16
C GLY B 16 -26.19 4.00 1.01
N LEU B 17 -25.54 3.47 -0.01
CA LEU B 17 -24.10 3.71 -0.27
C LEU B 17 -23.90 4.91 -1.17
N THR B 18 -24.11 6.10 -0.61
CA THR B 18 -24.14 7.30 -1.41
C THR B 18 -22.90 8.21 -1.18
N THR B 19 -21.94 7.78 -0.38
CA THR B 19 -20.63 8.40 -0.29
C THR B 19 -19.60 7.47 -0.93
N VAL B 20 -18.85 7.95 -1.91
CA VAL B 20 -17.80 7.17 -2.56
C VAL B 20 -16.41 7.65 -2.10
N PHE B 21 -15.63 6.78 -1.48
CA PHE B 21 -14.22 7.06 -1.18
C PHE B 21 -13.34 6.59 -2.33
N GLY B 22 -12.54 7.46 -2.95
CA GLY B 22 -11.76 7.01 -4.09
C GLY B 22 -10.47 7.73 -4.41
N ASN B 23 -9.72 7.11 -5.29
CA ASN B 23 -8.64 7.73 -6.03
C ASN B 23 -8.79 7.26 -7.48
N PRO B 24 -8.99 8.18 -8.42
CA PRO B 24 -9.43 7.81 -9.75
C PRO B 24 -8.31 7.34 -10.69
N GLY B 25 -8.72 6.69 -11.78
CA GLY B 25 -7.85 6.28 -12.86
C GLY B 25 -8.67 6.08 -14.12
N SER B 26 -8.02 5.77 -15.23
CA SER B 26 -8.71 5.73 -16.51
C SER B 26 -9.72 4.59 -16.57
N ASN B 27 -9.43 3.44 -15.93
CA ASN B 27 -10.36 2.31 -15.99
C ASN B 27 -11.64 2.60 -15.19
N GLU B 28 -11.60 3.64 -14.37
CA GLU B 28 -12.71 4.05 -13.49
C GLU B 28 -13.56 5.25 -14.04
N LEU B 29 -13.01 5.95 -15.03
CA LEU B 29 -13.71 7.10 -15.62
C LEU B 29 -15.12 6.77 -16.15
N PRO B 30 -15.32 5.61 -16.83
CA PRO B 30 -16.67 5.24 -17.26
C PRO B 30 -17.69 4.97 -16.14
N PHE B 31 -17.19 4.59 -14.95
CA PHE B 31 -17.97 4.45 -13.74
C PHE B 31 -18.32 5.85 -13.19
N LEU B 32 -17.30 6.70 -13.13
CA LEU B 32 -17.45 8.06 -12.53
C LEU B 32 -18.22 9.04 -13.41
N LYS B 33 -18.36 8.68 -14.68
CA LYS B 33 -19.20 9.42 -15.64
C LYS B 33 -20.61 9.63 -15.10
N GLY B 34 -21.14 10.83 -15.27
CA GLY B 34 -22.49 11.11 -14.75
C GLY B 34 -22.69 10.90 -13.24
N PHE B 35 -21.66 11.13 -12.45
CA PHE B 35 -21.73 10.95 -11.03
C PHE B 35 -22.94 11.75 -10.49
N PRO B 36 -23.86 11.09 -9.78
CA PRO B 36 -25.09 11.78 -9.42
C PRO B 36 -24.94 12.92 -8.42
N GLU B 37 -25.80 13.93 -8.58
CA GLU B 37 -25.76 15.11 -7.71
C GLU B 37 -26.01 14.82 -6.24
N ASP B 38 -26.72 13.74 -5.93
CA ASP B 38 -27.02 13.35 -4.55
C ASP B 38 -26.00 12.38 -3.91
N PHE B 39 -24.97 12.04 -4.65
CA PHE B 39 -23.84 11.29 -4.12
C PHE B 39 -22.72 12.29 -3.77
N ARG B 40 -21.80 11.85 -2.91
CA ARG B 40 -20.66 12.65 -2.46
C ARG B 40 -19.38 11.86 -2.79
N TYR B 41 -18.37 12.46 -3.40
CA TYR B 41 -17.08 11.77 -3.65
C TYR B 41 -16.04 12.36 -2.73
N ILE B 42 -15.31 11.52 -2.01
CA ILE B 42 -14.23 11.97 -1.10
C ILE B 42 -12.90 11.51 -1.68
N LEU B 43 -12.11 12.45 -2.19
CA LEU B 43 -10.84 12.11 -2.82
C LEU B 43 -9.76 11.93 -1.78
N GLY B 44 -9.02 10.82 -1.81
CA GLY B 44 -7.75 10.64 -1.07
C GLY B 44 -6.59 10.58 -2.07
N LEU B 45 -5.42 11.09 -1.67
CA LEU B 45 -4.27 11.18 -2.60
C LEU B 45 -3.42 9.93 -2.72
N HIS B 46 -3.71 8.95 -1.84
CA HIS B 46 -3.04 7.63 -1.82
C HIS B 46 -4.07 6.62 -1.30
N GLU B 47 -4.05 5.40 -1.86
CA GLU B 47 -5.15 4.45 -1.60
C GLU B 47 -5.19 3.88 -0.17
N GLY B 48 -4.07 3.91 0.53
CA GLY B 48 -4.05 3.51 1.92
C GLY B 48 -4.93 4.46 2.73
N ALA B 49 -4.84 5.75 2.39
CA ALA B 49 -5.71 6.73 2.99
C ALA B 49 -7.17 6.63 2.57
N VAL B 50 -7.44 6.36 1.30
CA VAL B 50 -8.79 6.08 0.81
C VAL B 50 -9.45 4.97 1.61
N VAL B 51 -8.78 3.82 1.71
CA VAL B 51 -9.39 2.71 2.44
C VAL B 51 -9.56 2.99 3.95
N GLY B 52 -8.57 3.64 4.57
CA GLY B 52 -8.68 3.97 5.99
C GLY B 52 -9.83 4.94 6.29
N MET B 53 -10.02 5.95 5.42
CA MET B 53 -11.16 6.88 5.54
C MET B 53 -12.49 6.15 5.45
N ALA B 54 -12.59 5.24 4.47
CA ALA B 54 -13.81 4.47 4.33
C ALA B 54 -14.09 3.57 5.54
N ASP B 55 -13.03 2.99 6.08
CA ASP B 55 -13.08 2.15 7.25
C ASP B 55 -13.62 2.93 8.47
N GLY B 56 -13.01 4.06 8.75
CA GLY B 56 -13.55 4.88 9.81
C GLY B 56 -15.00 5.29 9.63
N PHE B 57 -15.38 5.64 8.40
CA PHE B 57 -16.71 6.04 8.09
C PHE B 57 -17.72 4.89 8.31
N ALA B 58 -17.40 3.69 7.83
CA ALA B 58 -18.25 2.57 8.01
C ALA B 58 -18.44 2.22 9.49
N LEU B 59 -17.37 2.20 10.26
CA LEU B 59 -17.45 1.80 11.67
C LEU B 59 -18.27 2.81 12.47
N ALA B 60 -17.94 4.08 12.32
CA ALA B 60 -18.65 5.12 13.06
C ALA B 60 -20.10 5.38 12.62
N SER B 61 -20.41 5.16 11.34
CA SER B 61 -21.79 5.30 10.81
C SER B 61 -22.65 4.06 11.07
N GLY B 62 -22.02 2.91 11.24
CA GLY B 62 -22.72 1.63 11.40
C GLY B 62 -23.34 1.16 10.09
N GLN B 63 -22.77 1.57 8.98
CA GLN B 63 -23.31 1.20 7.65
C GLN B 63 -22.16 0.80 6.75
N PRO B 64 -22.44 0.04 5.70
CA PRO B 64 -21.36 -0.24 4.72
C PRO B 64 -20.85 1.02 4.01
N ALA B 65 -19.59 0.98 3.58
CA ALA B 65 -18.95 2.10 2.84
C ALA B 65 -18.41 1.64 1.51
N PHE B 66 -18.55 2.49 0.50
CA PHE B 66 -18.17 2.13 -0.88
C PHE B 66 -16.86 2.80 -1.29
N VAL B 67 -15.97 2.01 -1.93
CA VAL B 67 -14.62 2.42 -2.32
C VAL B 67 -14.40 2.21 -3.81
N ASN B 68 -13.78 3.17 -4.52
CA ASN B 68 -13.40 2.97 -5.92
C ASN B 68 -11.91 3.22 -6.10
N LEU B 69 -11.19 2.18 -6.47
CA LEU B 69 -9.72 2.20 -6.65
C LEU B 69 -9.32 1.89 -8.09
N HIS B 70 -8.07 2.22 -8.45
CA HIS B 70 -7.57 2.00 -9.78
C HIS B 70 -6.80 0.67 -9.97
N ALA B 71 -7.44 -0.30 -10.63
CA ALA B 71 -6.76 -1.47 -11.18
C ALA B 71 -5.93 -2.21 -10.14
N ALA B 72 -4.78 -2.78 -10.51
CA ALA B 72 -4.00 -3.51 -9.55
C ALA B 72 -3.13 -2.63 -8.65
N ALA B 73 -2.56 -1.54 -9.19
CA ALA B 73 -1.66 -0.71 -8.36
C ALA B 73 -2.45 0.00 -7.25
N GLY B 74 -3.62 0.53 -7.58
CA GLY B 74 -4.48 1.17 -6.58
C GLY B 74 -4.96 0.17 -5.54
N THR B 75 -5.43 -1.01 -6.01
CA THR B 75 -5.82 -2.08 -5.08
C THR B 75 -4.67 -2.43 -4.14
N GLY B 76 -3.49 -2.66 -4.72
CA GLY B 76 -2.26 -2.96 -3.97
C GLY B 76 -1.91 -1.94 -2.89
N ASN B 77 -1.94 -0.66 -3.28
CA ASN B 77 -1.66 0.43 -2.30
C ASN B 77 -2.61 0.44 -1.10
N GLY B 78 -3.84 -0.10 -1.26
CA GLY B 78 -4.84 -0.16 -0.17
C GLY B 78 -4.79 -1.40 0.72
N MET B 79 -3.92 -2.34 0.37
CA MET B 79 -3.99 -3.66 1.02
C MET B 79 -3.52 -3.69 2.47
N GLY B 80 -2.57 -2.83 2.86
CA GLY B 80 -2.25 -2.73 4.29
C GLY B 80 -3.46 -2.31 5.15
N ALA B 81 -4.25 -1.36 4.64
CA ALA B 81 -5.44 -0.93 5.31
C ALA B 81 -6.51 -2.01 5.46
N LEU B 82 -6.56 -2.94 4.51
CA LEU B 82 -7.47 -4.06 4.62
C LEU B 82 -7.19 -4.99 5.76
N THR B 83 -5.95 -5.08 6.24
CA THR B 83 -5.66 -5.93 7.40
C THR B 83 -6.47 -5.46 8.61
N ASN B 84 -6.46 -4.13 8.84
CA ASN B 84 -7.24 -3.57 9.91
C ASN B 84 -8.77 -3.76 9.75
N ALA B 85 -9.28 -3.54 8.54
CA ALA B 85 -10.71 -3.68 8.20
C ALA B 85 -11.22 -5.10 8.44
N TRP B 86 -10.35 -6.06 8.21
CA TRP B 86 -10.66 -7.49 8.48
C TRP B 86 -10.95 -7.75 9.96
N TYR B 87 -10.07 -7.33 10.87
CA TYR B 87 -10.21 -7.60 12.29
C TYR B 87 -11.16 -6.68 13.02
N SER B 88 -11.54 -5.56 12.40
CA SER B 88 -12.58 -4.70 12.94
C SER B 88 -13.98 -5.02 12.40
N HIS B 89 -14.09 -6.10 11.61
CA HIS B 89 -15.34 -6.45 10.95
C HIS B 89 -15.97 -5.22 10.23
N SER B 90 -15.18 -4.59 9.38
CA SER B 90 -15.64 -3.37 8.65
C SER B 90 -16.23 -3.73 7.30
N PRO B 91 -17.54 -3.40 7.08
CA PRO B 91 -18.22 -3.74 5.82
C PRO B 91 -17.85 -2.77 4.65
N LEU B 92 -16.69 -3.00 4.06
CA LEU B 92 -16.20 -2.20 2.94
C LEU B 92 -16.46 -2.91 1.62
N VAL B 93 -17.12 -2.20 0.67
CA VAL B 93 -17.34 -2.70 -0.69
C VAL B 93 -16.28 -2.02 -1.59
N ILE B 94 -15.25 -2.76 -1.92
CA ILE B 94 -14.06 -2.27 -2.66
C ILE B 94 -14.26 -2.61 -4.12
N THR B 95 -14.42 -1.60 -4.97
CA THR B 95 -14.43 -1.84 -6.42
C THR B 95 -13.12 -1.32 -7.02
N ALA B 96 -12.65 -2.05 -8.02
CA ALA B 96 -11.50 -1.61 -8.81
C ALA B 96 -11.76 -1.75 -10.30
N GLY B 97 -11.43 -0.71 -11.06
CA GLY B 97 -11.66 -0.74 -12.51
C GLY B 97 -10.64 -1.62 -13.23
N GLN B 98 -11.11 -2.30 -14.28
CA GLN B 98 -10.34 -3.27 -15.06
C GLN B 98 -10.29 -2.81 -16.52
N GLN B 99 -9.30 -3.30 -17.28
CA GLN B 99 -9.24 -3.06 -18.72
C GLN B 99 -10.49 -3.60 -19.46
N VAL B 100 -10.68 -3.14 -20.70
CA VAL B 100 -11.72 -3.63 -21.61
C VAL B 100 -11.58 -5.17 -21.65
N ARG B 101 -12.69 -5.91 -21.67
CA ARG B 101 -12.59 -7.36 -21.60
C ARG B 101 -11.65 -7.99 -22.64
N SER B 102 -11.68 -7.52 -23.88
CA SER B 102 -10.83 -8.10 -24.94
C SER B 102 -9.33 -7.86 -24.78
N MET B 103 -8.94 -6.97 -23.85
CA MET B 103 -7.53 -6.61 -23.65
C MET B 103 -6.94 -7.15 -22.32
N ILE B 104 -7.72 -7.90 -21.55
CA ILE B 104 -7.25 -8.45 -20.29
C ILE B 104 -6.25 -9.61 -20.46
N GLY B 105 -6.60 -10.59 -21.28
CA GLY B 105 -5.70 -11.73 -21.44
C GLY B 105 -4.33 -11.45 -22.07
N VAL B 106 -4.30 -10.51 -22.99
CA VAL B 106 -3.03 -10.10 -23.62
C VAL B 106 -2.14 -9.32 -22.65
N GLU B 107 -2.72 -8.93 -21.52
CA GLU B 107 -2.04 -8.14 -20.45
C GLU B 107 -1.65 -6.75 -20.99
N ALA B 108 -2.64 -6.08 -21.54
CA ALA B 108 -2.51 -4.65 -21.85
C ALA B 108 -2.09 -3.90 -20.60
N MET B 109 -1.41 -2.75 -20.77
CA MET B 109 -1.18 -1.83 -19.71
C MET B 109 -2.52 -1.57 -18.96
N LEU B 110 -2.46 -1.61 -17.63
CA LEU B 110 -3.59 -1.42 -16.73
C LEU B 110 -4.53 -2.62 -16.62
N ALA B 111 -4.14 -3.75 -17.20
CA ALA B 111 -4.87 -5.02 -16.92
C ALA B 111 -4.48 -5.57 -15.54
N ASN B 112 -5.47 -5.86 -14.73
CA ASN B 112 -5.32 -6.46 -13.40
C ASN B 112 -5.43 -7.99 -13.55
N VAL B 113 -4.29 -8.64 -13.56
CA VAL B 113 -4.21 -10.07 -13.90
C VAL B 113 -4.65 -10.93 -12.72
N ASP B 114 -5.52 -11.92 -12.97
CA ASP B 114 -6.01 -12.76 -11.88
C ASP B 114 -6.55 -11.90 -10.71
N ALA B 115 -7.31 -10.87 -11.09
CA ALA B 115 -7.77 -9.81 -10.14
C ALA B 115 -8.40 -10.33 -8.84
N PRO B 116 -9.29 -11.36 -8.92
CA PRO B 116 -9.92 -11.79 -7.67
C PRO B 116 -8.92 -12.32 -6.61
N GLN B 117 -7.74 -12.79 -7.06
CA GLN B 117 -6.71 -13.33 -6.14
C GLN B 117 -5.89 -12.25 -5.41
N LEU B 118 -5.84 -11.07 -5.99
CA LEU B 118 -4.99 -9.97 -5.46
C LEU B 118 -5.25 -9.60 -4.00
N PRO B 119 -6.51 -9.26 -3.63
CA PRO B 119 -6.78 -8.90 -2.23
C PRO B 119 -6.88 -10.07 -1.23
N LYS B 120 -6.96 -11.31 -1.72
CA LYS B 120 -6.94 -12.43 -0.81
C LYS B 120 -5.60 -12.52 -0.10
N PRO B 121 -5.61 -12.95 1.18
CA PRO B 121 -6.74 -13.47 1.97
C PRO B 121 -7.48 -12.45 2.82
N LEU B 122 -7.39 -11.16 2.49
CA LEU B 122 -7.88 -10.10 3.33
C LEU B 122 -9.34 -9.67 3.01
N VAL B 123 -10.09 -10.44 2.21
CA VAL B 123 -11.48 -10.12 1.86
C VAL B 123 -12.36 -11.36 2.01
N LYS B 124 -13.60 -11.18 2.38
CA LYS B 124 -14.46 -12.34 2.61
C LYS B 124 -15.07 -12.87 1.34
N TRP B 125 -15.05 -12.07 0.27
CA TRP B 125 -15.58 -12.47 -1.04
C TRP B 125 -14.90 -11.60 -2.11
N SER B 126 -14.56 -12.20 -3.24
CA SER B 126 -13.83 -11.52 -4.33
C SER B 126 -14.36 -12.05 -5.67
N ALA B 127 -14.62 -11.15 -6.65
CA ALA B 127 -15.07 -11.61 -7.98
C ALA B 127 -14.75 -10.62 -9.10
N GLU B 128 -14.64 -11.19 -10.30
CA GLU B 128 -14.67 -10.40 -11.54
C GLU B 128 -15.78 -11.03 -12.40
N PRO B 129 -16.88 -10.35 -12.57
CA PRO B 129 -18.03 -10.92 -13.31
C PRO B 129 -17.69 -11.41 -14.70
N ALA B 130 -18.33 -12.54 -15.08
CA ALA B 130 -18.03 -13.18 -16.33
C ALA B 130 -18.62 -12.48 -17.55
N CYS B 131 -19.52 -11.53 -17.30
CA CYS B 131 -20.09 -10.72 -18.36
C CYS B 131 -20.68 -9.46 -17.79
N ALA B 132 -20.84 -8.48 -18.68
CA ALA B 132 -21.36 -7.18 -18.25
C ALA B 132 -22.72 -7.27 -17.61
N GLU B 133 -23.59 -8.14 -18.15
CA GLU B 133 -24.93 -8.25 -17.64
C GLU B 133 -25.02 -8.70 -16.17
N ASP B 134 -23.97 -9.36 -15.66
CA ASP B 134 -23.97 -9.85 -14.29
C ASP B 134 -23.40 -8.81 -13.33
N VAL B 135 -22.94 -7.68 -13.83
CA VAL B 135 -22.34 -6.66 -12.94
C VAL B 135 -23.32 -6.13 -11.87
N PRO B 136 -24.57 -5.78 -12.24
CA PRO B 136 -25.48 -5.31 -11.17
C PRO B 136 -25.73 -6.38 -10.08
N ARG B 137 -26.03 -7.64 -10.46
CA ARG B 137 -26.22 -8.70 -9.46
C ARG B 137 -24.96 -8.96 -8.63
N ALA B 138 -23.80 -8.94 -9.27
CA ALA B 138 -22.53 -9.07 -8.53
C ALA B 138 -22.32 -7.93 -7.52
N LEU B 139 -22.68 -6.73 -7.91
CA LEU B 139 -22.59 -5.57 -6.94
C LEU B 139 -23.53 -5.77 -5.75
N SER B 140 -24.76 -6.21 -6.03
CA SER B 140 -25.67 -6.58 -4.95
C SER B 140 -25.09 -7.68 -4.01
N GLN B 141 -24.56 -8.74 -4.63
CA GLN B 141 -23.89 -9.82 -3.88
C GLN B 141 -22.78 -9.24 -2.98
N ALA B 142 -21.95 -8.37 -3.56
CA ALA B 142 -20.85 -7.74 -2.77
C ALA B 142 -21.38 -7.01 -1.52
N ILE B 143 -22.39 -6.17 -1.69
CA ILE B 143 -22.99 -5.39 -0.61
C ILE B 143 -23.50 -6.31 0.50
N HIS B 144 -24.24 -7.32 0.12
CA HIS B 144 -24.86 -8.23 1.10
C HIS B 144 -23.86 -9.22 1.70
N MET B 145 -22.79 -9.52 1.01
CA MET B 145 -21.69 -10.26 1.66
C MET B 145 -20.95 -9.41 2.68
N ALA B 146 -20.63 -8.15 2.33
CA ALA B 146 -19.88 -7.29 3.26
C ALA B 146 -20.67 -7.07 4.56
N ASN B 147 -21.99 -6.90 4.42
CA ASN B 147 -22.82 -6.42 5.54
C ASN B 147 -23.52 -7.50 6.34
N GLN B 148 -23.26 -8.77 6.03
CA GLN B 148 -23.76 -9.85 6.90
C GLN B 148 -22.71 -10.29 7.90
N ALA B 149 -23.14 -10.63 9.12
CA ALA B 149 -22.19 -11.17 10.13
C ALA B 149 -21.47 -12.45 9.65
N PRO B 150 -20.15 -12.57 9.92
CA PRO B 150 -19.24 -11.53 10.43
C PRO B 150 -18.92 -10.50 9.32
N LYS B 151 -19.18 -9.22 9.59
CA LYS B 151 -19.03 -8.19 8.53
C LYS B 151 -17.53 -8.07 8.16
N GLY B 152 -17.26 -7.63 6.96
CA GLY B 152 -15.89 -7.47 6.46
C GLY B 152 -15.81 -7.01 5.01
N PRO B 153 -14.58 -6.75 4.53
CA PRO B 153 -14.33 -6.20 3.21
C PRO B 153 -14.55 -7.23 2.10
N VAL B 154 -15.04 -6.74 0.98
CA VAL B 154 -15.22 -7.56 -0.21
C VAL B 154 -14.67 -6.83 -1.41
N TYR B 155 -14.48 -7.53 -2.52
CA TYR B 155 -13.80 -6.95 -3.70
C TYR B 155 -14.44 -7.31 -5.02
N LEU B 156 -14.64 -6.28 -5.85
CA LEU B 156 -15.23 -6.48 -7.17
C LEU B 156 -14.39 -5.76 -8.21
N SER B 157 -13.98 -6.51 -9.23
CA SER B 157 -13.20 -5.98 -10.36
C SER B 157 -14.12 -5.82 -11.59
N ILE B 158 -14.20 -4.61 -12.15
CA ILE B 158 -15.16 -4.33 -13.23
C ILE B 158 -14.49 -3.80 -14.50
N PRO B 159 -14.53 -4.60 -15.59
CA PRO B 159 -13.98 -4.16 -16.91
C PRO B 159 -14.70 -2.86 -17.37
N TYR B 160 -13.94 -1.86 -17.81
CA TYR B 160 -14.56 -0.59 -18.03
C TYR B 160 -15.56 -0.47 -19.16
N ASP B 161 -15.55 -1.42 -20.10
CA ASP B 161 -16.54 -1.41 -21.18
C ASP B 161 -17.90 -1.97 -20.74
N ASP B 162 -17.96 -2.53 -19.54
CA ASP B 162 -19.25 -3.03 -19.02
C ASP B 162 -20.31 -1.97 -18.76
N TRP B 163 -19.90 -0.80 -18.27
CA TRP B 163 -20.86 0.20 -17.77
C TRP B 163 -21.89 0.69 -18.79
N ALA B 164 -21.47 0.87 -20.04
CA ALA B 164 -22.30 1.38 -21.11
C ALA B 164 -23.27 0.35 -21.69
N ARG B 165 -23.08 -0.94 -21.39
CA ARG B 165 -23.90 -2.00 -21.97
C ARG B 165 -25.33 -1.96 -21.42
N PRO B 166 -26.28 -2.44 -22.20
CA PRO B 166 -27.65 -2.47 -21.64
C PRO B 166 -27.78 -3.39 -20.41
N ALA B 167 -28.60 -2.94 -19.47
CA ALA B 167 -28.94 -3.71 -18.29
C ALA B 167 -29.81 -4.90 -18.71
N PRO B 168 -29.65 -6.07 -18.09
CA PRO B 168 -30.46 -7.24 -18.47
C PRO B 168 -31.86 -7.21 -17.91
N ALA B 169 -32.71 -8.05 -18.50
CA ALA B 169 -34.07 -8.23 -18.05
C ALA B 169 -33.96 -8.80 -16.64
N GLY B 170 -34.81 -8.31 -15.75
CA GLY B 170 -34.84 -8.86 -14.41
C GLY B 170 -34.00 -8.06 -13.43
N VAL B 171 -33.24 -7.09 -13.93
CA VAL B 171 -32.37 -6.29 -13.06
C VAL B 171 -33.16 -5.50 -12.00
N GLU B 172 -34.43 -5.21 -12.31
CA GLU B 172 -35.25 -4.36 -11.42
C GLU B 172 -35.51 -4.95 -10.03
N HIS B 173 -35.31 -6.26 -9.87
CA HIS B 173 -35.48 -6.91 -8.55
C HIS B 173 -34.37 -6.62 -7.53
N LEU B 174 -33.22 -6.16 -8.00
CA LEU B 174 -32.02 -6.10 -7.13
C LEU B 174 -32.00 -4.96 -6.10
N ALA B 175 -32.36 -3.77 -6.52
CA ALA B 175 -32.05 -2.62 -5.62
C ALA B 175 -32.79 -2.67 -4.28
N ARG B 176 -34.01 -3.24 -4.29
CA ARG B 176 -34.90 -3.30 -3.13
C ARG B 176 -34.62 -4.50 -2.17
N ARG B 177 -33.71 -5.40 -2.55
CA ARG B 177 -33.51 -6.63 -1.75
C ARG B 177 -33.05 -6.31 -0.35
N GLN B 178 -33.71 -6.94 0.61
CA GLN B 178 -33.24 -6.97 1.99
C GLN B 178 -32.65 -8.33 2.39
N VAL B 179 -31.56 -8.29 3.15
CA VAL B 179 -30.95 -9.53 3.70
C VAL B 179 -30.84 -9.31 5.19
N ALA B 180 -31.63 -10.07 5.94
CA ALA B 180 -31.70 -9.98 7.42
C ALA B 180 -31.07 -11.23 8.06
N THR B 181 -30.48 -11.04 9.24
CA THR B 181 -29.82 -12.12 9.98
C THR B 181 -30.58 -12.42 11.27
N ALA B 182 -31.04 -13.68 11.39
CA ALA B 182 -31.70 -14.19 12.58
C ALA B 182 -30.63 -14.78 13.52
N GLY B 183 -30.42 -14.15 14.65
CA GLY B 183 -29.31 -14.51 15.53
C GLY B 183 -29.61 -14.57 17.00
N LEU B 184 -30.88 -14.72 17.36
CA LEU B 184 -31.26 -14.95 18.76
C LEU B 184 -30.99 -16.39 19.25
N PRO B 185 -30.63 -16.53 20.52
CA PRO B 185 -30.45 -17.88 21.07
C PRO B 185 -31.78 -18.62 21.20
N SER B 186 -31.72 -19.94 21.02
CA SER B 186 -32.86 -20.82 21.28
C SER B 186 -33.16 -20.81 22.78
N ALA B 187 -34.34 -21.30 23.17
CA ALA B 187 -34.66 -21.40 24.61
C ALA B 187 -33.60 -22.17 25.41
N ALA B 188 -33.16 -23.29 24.85
CA ALA B 188 -32.16 -24.14 25.52
C ALA B 188 -30.78 -23.44 25.63
N GLN B 189 -30.38 -22.74 24.56
CA GLN B 189 -29.11 -21.96 24.57
C GLN B 189 -29.08 -20.86 25.63
N LEU B 190 -30.20 -20.14 25.74
CA LEU B 190 -30.37 -19.09 26.72
C LEU B 190 -30.36 -19.68 28.14
N ARG B 191 -31.09 -20.78 28.34
CA ARG B 191 -31.12 -21.39 29.67
C ARG B 191 -29.72 -21.88 30.10
N SER B 192 -28.91 -22.38 29.16
CA SER B 192 -27.58 -22.84 29.51
C SER B 192 -26.71 -21.68 30.02
N LEU B 193 -26.73 -20.55 29.31
CA LEU B 193 -25.99 -19.35 29.76
C LEU B 193 -26.47 -18.87 31.15
N VAL B 194 -27.78 -18.79 31.32
CA VAL B 194 -28.35 -18.33 32.61
C VAL B 194 -27.92 -19.23 33.78
N GLN B 195 -28.12 -20.54 33.60
CA GLN B 195 -27.78 -21.56 34.61
C GLN B 195 -26.31 -21.46 35.02
N ARG B 196 -25.42 -21.35 34.03
CA ARG B 196 -24.01 -21.29 34.35
C ARG B 196 -23.58 -20.00 35.03
N LEU B 197 -24.06 -18.87 34.53
CA LEU B 197 -23.68 -17.58 35.06
C LEU B 197 -24.27 -17.43 36.47
N ALA B 198 -25.51 -17.86 36.66
CA ALA B 198 -26.17 -17.72 37.97
C ALA B 198 -25.49 -18.61 39.03
N ALA B 199 -24.96 -19.76 38.62
CA ALA B 199 -24.25 -20.68 39.54
C ALA B 199 -22.82 -20.27 39.90
N ALA B 200 -22.22 -19.36 39.15
CA ALA B 200 -20.82 -18.97 39.40
C ALA B 200 -20.64 -18.25 40.77
N ARG B 201 -19.50 -18.48 41.39
CA ARG B 201 -19.10 -17.84 42.67
C ARG B 201 -18.66 -16.39 42.43
N ASN B 202 -17.91 -16.19 41.36
CA ASN B 202 -17.19 -14.92 41.12
C ASN B 202 -16.89 -14.72 39.62
N PRO B 203 -17.98 -14.47 38.83
CA PRO B 203 -17.84 -14.26 37.39
C PRO B 203 -17.15 -12.97 37.03
N VAL B 204 -16.60 -12.91 35.81
CA VAL B 204 -16.03 -11.67 35.28
C VAL B 204 -16.43 -11.52 33.80
N LEU B 205 -16.55 -10.26 33.37
CA LEU B 205 -16.92 -9.89 32.00
C LEU B 205 -15.74 -9.34 31.21
N VAL B 206 -15.57 -9.83 29.99
CA VAL B 206 -14.50 -9.36 29.08
C VAL B 206 -15.16 -8.99 27.74
N LEU B 207 -14.90 -7.75 27.27
CA LEU B 207 -15.65 -7.13 26.18
C LEU B 207 -14.70 -6.71 25.03
N GLY B 208 -15.06 -7.05 23.80
CA GLY B 208 -14.28 -6.63 22.65
C GLY B 208 -14.98 -5.65 21.71
N PRO B 209 -14.39 -5.46 20.52
CA PRO B 209 -14.84 -4.35 19.68
C PRO B 209 -16.27 -4.51 19.14
N ASP B 210 -16.71 -5.75 18.97
CA ASP B 210 -18.09 -5.98 18.46
C ASP B 210 -19.19 -5.64 19.49
N VAL B 211 -18.83 -5.40 20.77
CA VAL B 211 -19.77 -4.83 21.74
C VAL B 211 -20.10 -3.39 21.30
N ASP B 212 -19.06 -2.61 20.97
CA ASP B 212 -19.29 -1.23 20.45
C ASP B 212 -19.95 -1.23 19.07
N GLY B 213 -19.47 -2.11 18.19
CA GLY B 213 -19.99 -2.23 16.85
C GLY B 213 -21.47 -2.55 16.77
N SER B 214 -21.92 -3.42 17.66
CA SER B 214 -23.34 -3.82 17.75
C SER B 214 -24.19 -2.87 18.57
N ARG B 215 -23.61 -1.79 19.08
CA ARG B 215 -24.32 -0.89 20.00
C ARG B 215 -24.83 -1.57 21.26
N SER B 216 -24.01 -2.42 21.87
CA SER B 216 -24.36 -3.17 23.07
C SER B 216 -23.72 -2.63 24.36
N ASN B 217 -23.20 -1.40 24.33
CA ASN B 217 -22.44 -0.85 25.46
C ASN B 217 -23.36 -0.77 26.67
N HIS B 218 -24.55 -0.20 26.51
CA HIS B 218 -25.47 -0.04 27.66
C HIS B 218 -25.89 -1.39 28.22
N LEU B 219 -26.14 -2.35 27.31
CA LEU B 219 -26.45 -3.72 27.78
C LEU B 219 -25.30 -4.39 28.52
N ALA B 220 -24.06 -4.12 28.12
CA ALA B 220 -22.90 -4.66 28.82
C ALA B 220 -22.81 -4.10 30.26
N VAL B 221 -23.10 -2.83 30.42
CA VAL B 221 -23.21 -2.23 31.77
C VAL B 221 -24.33 -2.89 32.57
N GLN B 222 -25.51 -3.04 31.94
CA GLN B 222 -26.63 -3.71 32.61
C GLN B 222 -26.25 -5.12 33.04
N LEU B 223 -25.53 -5.84 32.19
CA LEU B 223 -25.13 -7.20 32.50
C LEU B 223 -24.12 -7.28 33.66
N ALA B 224 -23.13 -6.38 33.64
CA ALA B 224 -22.15 -6.33 34.71
C ALA B 224 -22.86 -6.06 36.05
N GLU B 225 -23.76 -5.11 36.05
CA GLU B 225 -24.50 -4.75 37.27
C GLU B 225 -25.41 -5.88 37.74
N LYS B 226 -26.01 -6.60 36.80
CA LYS B 226 -26.92 -7.72 37.12
C LYS B 226 -26.19 -8.84 37.89
N LEU B 227 -24.92 -9.10 37.53
CA LEU B 227 -24.15 -10.16 38.13
C LEU B 227 -23.14 -9.59 39.13
N ARG B 228 -23.23 -8.30 39.38
CA ARG B 228 -22.33 -7.61 40.36
C ARG B 228 -20.85 -7.93 40.10
N MET B 229 -20.46 -7.87 38.82
CA MET B 229 -19.15 -8.37 38.41
C MET B 229 -18.30 -7.26 37.76
N PRO B 230 -16.96 -7.38 37.81
CA PRO B 230 -16.07 -6.45 37.11
C PRO B 230 -16.08 -6.67 35.61
N ALA B 231 -15.66 -5.65 34.86
CA ALA B 231 -15.61 -5.70 33.39
C ALA B 231 -14.27 -5.20 32.87
N TRP B 232 -13.67 -6.00 32.00
CA TRP B 232 -12.41 -5.66 31.31
C TRP B 232 -12.63 -5.57 29.81
N VAL B 233 -11.73 -4.88 29.12
CA VAL B 233 -11.61 -4.90 27.67
C VAL B 233 -10.68 -6.05 27.26
N ALA B 234 -11.06 -6.79 26.23
CA ALA B 234 -10.25 -7.83 25.66
C ALA B 234 -8.91 -7.24 25.13
N PRO B 235 -7.84 -8.03 25.12
CA PRO B 235 -6.54 -7.51 24.66
C PRO B 235 -6.51 -7.09 23.21
N SER B 236 -5.55 -6.20 22.91
CA SER B 236 -5.36 -5.67 21.57
C SER B 236 -6.64 -4.93 21.15
N ALA B 237 -7.04 -3.96 21.99
CA ALA B 237 -8.32 -3.25 21.89
C ALA B 237 -8.33 -2.30 20.74
N SER B 238 -9.42 -2.29 19.99
CA SER B 238 -9.58 -1.45 18.82
C SER B 238 -10.76 -0.49 18.94
N ARG B 239 -11.65 -0.73 19.91
CA ARG B 239 -12.78 0.10 20.25
C ARG B 239 -12.96 0.11 21.81
N CYS B 240 -13.76 1.03 22.31
CA CYS B 240 -14.08 1.13 23.74
C CYS B 240 -15.52 0.66 24.00
N PRO B 241 -15.67 -0.49 24.67
CA PRO B 241 -17.02 -1.07 24.87
C PRO B 241 -17.72 -0.81 26.20
N PHE B 242 -17.20 0.08 27.05
CA PHE B 242 -17.72 0.25 28.42
C PHE B 242 -17.27 1.64 28.92
N PRO B 243 -18.10 2.32 29.73
CA PRO B 243 -17.69 3.64 30.27
C PRO B 243 -16.51 3.47 31.24
N THR B 244 -15.42 4.19 30.98
CA THR B 244 -14.15 3.84 31.59
C THR B 244 -14.00 4.34 33.01
N ARG B 245 -14.92 5.19 33.48
CA ARG B 245 -15.01 5.49 34.92
C ARG B 245 -16.23 4.93 35.62
N HIS B 246 -16.87 3.94 35.02
CA HIS B 246 -17.87 3.17 35.72
C HIS B 246 -17.13 2.38 36.79
N PRO B 247 -17.73 2.25 37.99
CA PRO B 247 -16.98 1.58 39.06
C PRO B 247 -16.62 0.09 38.84
N SER B 248 -17.29 -0.63 37.94
CA SER B 248 -16.93 -2.02 37.62
C SER B 248 -15.78 -2.16 36.59
N PHE B 249 -15.41 -1.07 35.93
CA PHE B 249 -14.37 -1.09 34.89
C PHE B 249 -13.00 -1.40 35.46
N ARG B 250 -12.25 -2.28 34.79
CA ARG B 250 -10.93 -2.69 35.23
C ARG B 250 -9.78 -2.47 34.22
N GLY B 251 -10.05 -1.83 33.09
CA GLY B 251 -9.05 -1.58 32.07
C GLY B 251 -8.97 -2.64 31.00
N VAL B 252 -7.89 -2.57 30.22
CA VAL B 252 -7.62 -3.51 29.13
C VAL B 252 -6.71 -4.64 29.62
N LEU B 253 -7.10 -5.88 29.35
CA LEU B 253 -6.31 -7.03 29.70
C LEU B 253 -4.96 -6.98 28.98
N PRO B 254 -3.89 -7.50 29.61
CA PRO B 254 -2.60 -7.61 28.91
C PRO B 254 -2.69 -8.63 27.76
N ALA B 255 -1.95 -8.40 26.68
CA ALA B 255 -2.02 -9.28 25.47
C ALA B 255 -1.02 -10.41 25.62
N ALA B 256 -1.19 -11.18 26.69
CA ALA B 256 -0.21 -12.18 27.13
C ALA B 256 -0.92 -13.38 27.74
N ILE B 257 -0.52 -14.59 27.34
CA ILE B 257 -1.15 -15.79 27.87
C ILE B 257 -1.07 -15.84 29.39
N ALA B 258 0.13 -15.72 29.94
CA ALA B 258 0.30 -15.78 31.41
C ALA B 258 -0.32 -14.56 32.11
N GLY B 259 -0.38 -13.44 31.40
CA GLY B 259 -0.92 -12.21 32.00
C GLY B 259 -2.41 -12.33 32.29
N ILE B 260 -3.17 -12.88 31.32
CA ILE B 260 -4.61 -13.01 31.49
C ILE B 260 -4.97 -13.97 32.62
N SER B 261 -4.33 -15.14 32.66
CA SER B 261 -4.64 -16.07 33.73
C SER B 261 -4.21 -15.55 35.12
N ARG B 262 -3.15 -14.73 35.19
CA ARG B 262 -2.83 -14.05 36.45
C ARG B 262 -3.86 -12.97 36.83
N CYS B 263 -4.18 -12.05 35.90
CA CYS B 263 -5.19 -10.97 36.15
C CYS B 263 -6.55 -11.48 36.61
N LEU B 264 -6.98 -12.59 36.01
CA LEU B 264 -8.31 -13.18 36.25
C LEU B 264 -8.30 -14.39 37.21
N ALA B 265 -7.19 -14.55 37.97
CA ALA B 265 -7.00 -15.74 38.84
C ALA B 265 -8.13 -16.05 39.80
N ASP B 266 -8.79 -15.03 40.35
CA ASP B 266 -9.81 -15.26 41.36
C ASP B 266 -11.21 -15.61 40.80
N HIS B 267 -11.39 -15.58 39.47
CA HIS B 267 -12.72 -15.77 38.86
C HIS B 267 -12.88 -17.23 38.43
N ASP B 268 -14.01 -17.84 38.78
CA ASP B 268 -14.32 -19.22 38.37
C ASP B 268 -14.97 -19.31 36.99
N LEU B 269 -15.47 -18.20 36.47
CA LEU B 269 -16.16 -18.19 35.17
C LEU B 269 -15.82 -16.87 34.47
N ILE B 270 -15.36 -16.96 33.24
CA ILE B 270 -15.03 -15.78 32.41
C ILE B 270 -16.01 -15.76 31.23
N LEU B 271 -16.71 -14.65 31.05
CA LEU B 271 -17.63 -14.47 29.92
C LEU B 271 -17.03 -13.43 28.95
N VAL B 272 -16.63 -13.91 27.78
CA VAL B 272 -16.04 -13.08 26.73
C VAL B 272 -17.10 -12.75 25.67
N VAL B 273 -17.39 -11.46 25.43
CA VAL B 273 -18.38 -11.03 24.47
C VAL B 273 -17.76 -10.15 23.38
N GLY B 274 -17.93 -10.55 22.12
CA GLY B 274 -17.61 -9.68 21.03
C GLY B 274 -16.12 -9.48 20.79
N ALA B 275 -15.30 -10.45 21.16
CA ALA B 275 -13.85 -10.49 20.88
C ALA B 275 -13.41 -11.90 20.56
N PRO B 276 -12.27 -12.04 19.87
CA PRO B 276 -11.65 -13.35 19.81
C PRO B 276 -11.14 -13.81 21.19
N VAL B 277 -10.96 -15.11 21.35
CA VAL B 277 -10.23 -15.69 22.50
C VAL B 277 -8.85 -16.21 22.06
N PHE B 278 -7.75 -15.46 22.25
CA PHE B 278 -7.64 -14.01 22.54
C PHE B 278 -6.57 -13.45 21.57
N ARG B 279 -6.61 -12.16 21.31
CA ARG B 279 -5.59 -11.46 20.49
C ARG B 279 -4.34 -11.15 21.35
N TYR B 280 -3.66 -12.21 21.73
CA TYR B 280 -2.35 -12.14 22.37
C TYR B 280 -1.34 -11.45 21.45
N HIS B 281 -0.27 -10.85 22.01
CA HIS B 281 0.69 -10.07 21.18
C HIS B 281 2.10 -10.55 21.55
N GLN B 282 2.63 -10.01 22.64
CA GLN B 282 3.88 -10.51 23.19
C GLN B 282 3.77 -12.00 23.53
N PHE B 283 4.89 -12.69 23.40
CA PHE B 283 5.01 -14.12 23.76
C PHE B 283 5.34 -14.29 25.25
N ALA B 284 4.34 -14.69 26.02
CA ALA B 284 4.46 -14.86 27.47
C ALA B 284 3.76 -16.17 27.86
N PRO B 285 4.45 -17.31 27.64
CA PRO B 285 3.79 -18.60 27.86
C PRO B 285 3.43 -18.89 29.32
N GLY B 286 2.44 -19.75 29.52
CA GLY B 286 1.95 -20.10 30.83
C GLY B 286 0.56 -20.71 30.70
N ASP B 287 -0.24 -20.62 31.75
CA ASP B 287 -1.62 -21.15 31.75
C ASP B 287 -2.59 -20.33 30.88
N TYR B 288 -3.31 -20.99 29.98
CA TYR B 288 -4.41 -20.32 29.27
C TYR B 288 -5.48 -19.79 30.25
N LEU B 289 -5.85 -20.62 31.22
CA LEU B 289 -6.84 -20.23 32.22
C LEU B 289 -6.36 -20.58 33.64
N PRO B 290 -6.87 -19.90 34.67
CA PRO B 290 -6.66 -20.35 36.03
C PRO B 290 -7.21 -21.77 36.24
N ALA B 291 -6.60 -22.56 37.13
CA ALA B 291 -7.11 -23.91 37.42
C ALA B 291 -8.53 -23.85 37.95
N GLY B 292 -9.42 -24.63 37.34
CA GLY B 292 -10.81 -24.70 37.75
C GLY B 292 -11.72 -23.70 37.06
N THR B 293 -11.16 -22.77 36.30
CA THR B 293 -11.98 -21.74 35.66
C THR B 293 -12.55 -22.24 34.32
N GLU B 294 -13.79 -21.85 34.04
CA GLU B 294 -14.44 -22.12 32.77
C GLU B 294 -14.64 -20.81 32.02
N LEU B 295 -14.66 -20.90 30.70
CA LEU B 295 -14.88 -19.74 29.85
C LEU B 295 -16.07 -19.93 28.93
N LEU B 296 -16.89 -18.90 28.86
CA LEU B 296 -18.03 -18.82 27.95
C LEU B 296 -17.70 -17.72 26.94
N HIS B 297 -18.03 -17.94 25.67
CA HIS B 297 -17.70 -17.02 24.58
C HIS B 297 -18.95 -16.71 23.75
N ILE B 298 -19.28 -15.42 23.59
CA ILE B 298 -20.37 -15.00 22.70
C ILE B 298 -19.76 -14.14 21.61
N THR B 299 -19.95 -14.54 20.36
CA THR B 299 -19.28 -13.94 19.22
C THR B 299 -20.22 -13.89 17.99
N CYS B 300 -19.99 -12.93 17.10
CA CYS B 300 -20.70 -12.86 15.82
C CYS B 300 -19.99 -13.61 14.70
N ASP B 301 -18.86 -14.25 15.01
CA ASP B 301 -17.90 -14.75 13.97
C ASP B 301 -17.61 -16.24 14.17
N PRO B 302 -18.11 -17.10 13.27
CA PRO B 302 -17.81 -18.53 13.36
C PRO B 302 -16.31 -18.86 13.44
N GLY B 303 -15.46 -18.07 12.76
CA GLY B 303 -14.02 -18.31 12.80
C GLY B 303 -13.43 -18.08 14.19
N GLU B 304 -13.86 -17.00 14.85
CA GLU B 304 -13.49 -16.77 16.26
C GLU B 304 -13.89 -17.94 17.14
N ALA B 305 -15.12 -18.42 16.95
CA ALA B 305 -15.63 -19.51 17.75
C ALA B 305 -14.81 -20.80 17.50
N ALA B 306 -14.47 -21.07 16.23
CA ALA B 306 -13.80 -22.32 15.89
C ALA B 306 -12.33 -22.37 16.36
N ARG B 307 -11.62 -21.24 16.28
CA ARG B 307 -10.14 -21.21 16.47
C ARG B 307 -9.71 -21.06 17.94
N ALA B 308 -10.64 -20.70 18.84
CA ALA B 308 -10.30 -20.51 20.27
C ALA B 308 -9.71 -21.76 20.90
N PRO B 309 -8.67 -21.60 21.71
CA PRO B 309 -8.07 -22.81 22.35
C PRO B 309 -8.80 -23.28 23.59
N MET B 310 -9.84 -22.55 24.00
CA MET B 310 -10.64 -22.94 25.18
C MET B 310 -11.98 -22.25 25.15
N GLY B 311 -12.95 -22.85 25.82
CA GLY B 311 -14.23 -22.28 26.09
C GLY B 311 -15.39 -22.87 25.30
N ASP B 312 -16.61 -22.60 25.78
CA ASP B 312 -17.84 -22.97 25.04
C ASP B 312 -18.38 -21.67 24.42
N ALA B 313 -18.58 -21.71 23.10
CA ALA B 313 -18.97 -20.55 22.29
C ALA B 313 -20.40 -20.62 21.80
N LEU B 314 -21.02 -19.44 21.66
CA LEU B 314 -22.35 -19.28 21.11
C LEU B 314 -22.21 -18.20 20.06
N VAL B 315 -22.61 -18.51 18.83
CA VAL B 315 -22.41 -17.62 17.69
C VAL B 315 -23.75 -17.03 17.24
N GLY B 316 -23.89 -15.71 17.32
CA GLY B 316 -25.15 -15.07 16.92
C GLY B 316 -25.14 -13.57 17.03
N ASP B 317 -26.33 -13.01 17.24
CA ASP B 317 -26.52 -11.53 17.26
C ASP B 317 -26.21 -11.05 18.68
N ILE B 318 -25.17 -10.23 18.84
CA ILE B 318 -24.72 -9.86 20.17
C ILE B 318 -25.77 -8.98 20.91
N VAL B 319 -26.32 -7.98 20.25
CA VAL B 319 -27.21 -7.04 20.98
C VAL B 319 -28.50 -7.78 21.38
N GLU B 320 -28.96 -8.72 20.52
CA GLU B 320 -30.18 -9.49 20.84
C GLU B 320 -29.94 -10.55 21.94
N THR B 321 -28.79 -11.18 21.88
CA THR B 321 -28.36 -12.15 22.87
C THR B 321 -28.17 -11.52 24.27
N LEU B 322 -27.46 -10.39 24.33
CA LEU B 322 -27.30 -9.68 25.56
C LEU B 322 -28.63 -9.21 26.19
N GLN B 323 -29.55 -8.69 25.38
CA GLN B 323 -30.85 -8.29 25.89
C GLN B 323 -31.62 -9.49 26.47
N ALA B 324 -31.60 -10.62 25.75
CA ALA B 324 -32.26 -11.83 26.30
C ALA B 324 -31.66 -12.27 27.63
N LEU B 325 -30.34 -12.21 27.73
CA LEU B 325 -29.64 -12.59 28.94
C LEU B 325 -29.91 -11.66 30.15
N VAL B 326 -29.87 -10.35 29.92
CA VAL B 326 -30.19 -9.37 30.93
C VAL B 326 -31.62 -9.59 31.46
N TRP B 327 -32.55 -9.85 30.55
CA TRP B 327 -33.93 -10.12 30.95
C TRP B 327 -34.07 -11.38 31.80
N ALA B 328 -33.26 -12.40 31.50
CA ALA B 328 -33.46 -13.72 32.09
C ALA B 328 -32.74 -13.97 33.41
N LEU B 329 -31.71 -13.22 33.70
CA LEU B 329 -30.89 -13.50 34.86
C LEU B 329 -31.67 -13.19 36.15
N PRO B 330 -31.45 -14.01 37.20
CA PRO B 330 -32.11 -13.80 38.49
C PRO B 330 -31.46 -12.67 39.25
N ASP B 331 -32.10 -12.22 40.33
CA ASP B 331 -31.45 -11.26 41.26
C ASP B 331 -30.14 -11.79 41.89
N CYS B 332 -29.18 -10.89 42.09
CA CYS B 332 -27.92 -11.20 42.74
C CYS B 332 -27.68 -10.21 43.88
N ASP B 333 -27.28 -10.75 45.04
CA ASP B 333 -27.05 -9.94 46.25
C ASP B 333 -25.59 -9.67 46.58
N ARG B 334 -24.65 -10.07 45.72
CA ARG B 334 -23.21 -9.87 46.02
C ARG B 334 -22.96 -8.37 46.00
N PRO B 335 -21.95 -7.88 46.74
CA PRO B 335 -21.73 -6.42 46.74
C PRO B 335 -21.21 -5.95 45.39
N GLN B 336 -21.53 -4.71 44.99
CA GLN B 336 -20.99 -4.15 43.75
C GLN B 336 -19.48 -3.97 43.82
N PRO B 337 -18.79 -4.16 42.67
CA PRO B 337 -17.39 -3.85 42.61
C PRO B 337 -17.12 -2.37 42.91
N GLN B 338 -15.96 -2.09 43.49
CA GLN B 338 -15.58 -0.70 43.77
C GLN B 338 -14.65 -0.12 42.70
N ALA B 339 -14.78 1.17 42.43
CA ALA B 339 -14.04 1.83 41.36
C ALA B 339 -12.53 1.68 41.53
N LEU B 340 -11.83 1.63 40.41
CA LEU B 340 -10.38 1.78 40.42
C LEU B 340 -10.01 3.16 40.93
N PRO B 341 -8.92 3.25 41.71
CA PRO B 341 -8.42 4.57 42.12
C PRO B 341 -7.98 5.38 40.90
N PRO B 342 -8.09 6.72 40.95
CA PRO B 342 -7.63 7.52 39.81
C PRO B 342 -6.11 7.40 39.60
N ALA B 343 -5.60 7.89 38.48
CA ALA B 343 -4.17 7.80 38.24
C ALA B 343 -3.48 8.90 39.05
N ALA B 344 -2.27 8.64 39.52
CA ALA B 344 -1.51 9.71 40.20
C ALA B 344 -0.95 10.67 39.15
N PRO B 345 -0.74 11.94 39.50
CA PRO B 345 -0.01 12.82 38.57
C PRO B 345 1.39 12.27 38.34
N VAL B 346 1.99 12.58 37.20
CA VAL B 346 3.40 12.26 37.00
C VAL B 346 4.14 13.57 37.24
N GLU B 347 5.27 13.51 37.93
CA GLU B 347 5.97 14.74 38.26
C GLU B 347 6.75 15.18 37.04
N GLU B 348 6.53 16.43 36.62
CA GLU B 348 7.20 16.99 35.46
C GLU B 348 8.68 17.24 35.86
N LEU B 349 9.60 16.71 35.07
CA LEU B 349 11.03 16.88 35.31
C LEU B 349 11.51 18.18 34.67
N GLY B 350 10.56 19.03 34.23
CA GLY B 350 10.89 20.35 33.73
C GLY B 350 11.24 20.53 32.26
N GLY B 351 11.58 19.44 31.54
CA GLY B 351 12.01 19.48 30.12
C GLY B 351 10.91 19.12 29.12
N LEU B 352 11.17 18.23 28.16
CA LEU B 352 10.12 17.80 27.19
C LEU B 352 8.94 17.19 27.92
N LEU B 353 7.74 17.41 27.40
CA LEU B 353 6.50 16.90 27.99
C LEU B 353 6.45 15.38 28.01
N ARG B 354 5.90 14.85 29.09
CA ARG B 354 5.52 13.44 29.19
C ARG B 354 4.14 13.25 28.56
N PRO B 355 3.93 12.08 27.93
CA PRO B 355 2.64 11.87 27.32
C PRO B 355 1.51 11.95 28.34
N GLU B 356 1.78 11.48 29.55
CA GLU B 356 0.76 11.47 30.61
C GLU B 356 0.24 12.87 30.87
N THR B 357 1.13 13.88 30.84
CA THR B 357 0.73 15.26 30.98
C THR B 357 -0.18 15.77 29.86
N VAL B 358 0.15 15.41 28.62
CA VAL B 358 -0.69 15.71 27.48
C VAL B 358 -2.09 15.10 27.65
N PHE B 359 -2.14 13.84 28.07
CA PHE B 359 -3.42 13.17 28.30
C PHE B 359 -4.27 13.78 29.40
N ASP B 360 -3.61 14.24 30.49
CA ASP B 360 -4.35 14.96 31.56
C ASP B 360 -5.02 16.24 31.06
N VAL B 361 -4.32 16.99 30.20
CA VAL B 361 -4.88 18.17 29.60
C VAL B 361 -6.05 17.82 28.66
N ILE B 362 -5.88 16.76 27.86
CA ILE B 362 -7.02 16.31 27.02
C ILE B 362 -8.24 16.01 27.88
N ASP B 363 -8.06 15.23 28.94
CA ASP B 363 -9.14 14.85 29.83
C ASP B 363 -9.82 16.07 30.46
N GLU B 364 -9.07 17.15 30.68
CA GLU B 364 -9.64 18.37 31.24
C GLU B 364 -10.41 19.18 30.23
N LEU B 365 -9.92 19.30 28.99
CA LEU B 365 -10.45 20.29 28.06
C LEU B 365 -11.37 19.74 26.97
N ALA B 366 -11.25 18.45 26.63
CA ALA B 366 -12.02 17.88 25.53
C ALA B 366 -13.47 17.75 25.91
N PRO B 367 -14.40 17.89 24.95
CA PRO B 367 -15.80 17.59 25.21
C PRO B 367 -15.96 16.19 25.81
N LYS B 368 -16.95 15.99 26.68
CA LYS B 368 -17.13 14.68 27.31
C LYS B 368 -17.69 13.60 26.36
N ASP B 369 -18.06 14.00 25.15
CA ASP B 369 -18.39 13.05 24.06
C ASP B 369 -17.47 13.22 22.85
N ALA B 370 -16.25 13.64 23.08
CA ALA B 370 -15.23 13.58 22.02
C ALA B 370 -15.06 12.14 21.55
N ILE B 371 -14.57 11.99 20.33
CA ILE B 371 -14.15 10.69 19.78
C ILE B 371 -12.66 10.68 19.56
N TYR B 372 -11.97 9.65 20.08
CA TYR B 372 -10.53 9.50 19.94
C TYR B 372 -10.14 8.46 18.89
N VAL B 373 -9.28 8.85 17.95
CA VAL B 373 -8.66 7.91 17.00
C VAL B 373 -7.19 7.87 17.34
N LYS B 374 -6.75 6.73 17.84
CA LYS B 374 -5.44 6.57 18.45
C LYS B 374 -4.53 5.64 17.63
N GLU B 375 -3.34 6.09 17.29
CA GLU B 375 -2.32 5.27 16.61
C GLU B 375 -1.00 5.86 17.09
N SER B 376 -0.68 5.57 18.35
CA SER B 376 0.50 6.09 19.08
C SER B 376 0.90 4.89 19.95
N THR B 377 1.94 4.15 19.55
CA THR B 377 1.98 2.77 19.94
C THR B 377 2.59 2.58 21.30
N SER B 378 3.43 3.49 21.79
CA SER B 378 4.01 3.30 23.12
C SER B 378 3.17 3.96 24.24
N THR B 379 2.07 4.62 23.90
CA THR B 379 1.29 5.41 24.86
C THR B 379 -0.14 4.93 25.17
N VAL B 380 -0.45 3.72 24.73
CA VAL B 380 -1.80 3.19 24.89
C VAL B 380 -2.25 2.98 26.34
N GLY B 381 -1.42 2.36 27.18
CA GLY B 381 -1.78 2.16 28.59
C GLY B 381 -2.01 3.48 29.29
N ALA B 382 -1.11 4.44 29.06
CA ALA B 382 -1.27 5.74 29.70
C ALA B 382 -2.54 6.43 29.26
N PHE B 383 -2.90 6.28 27.98
CA PHE B 383 -4.11 6.90 27.46
C PHE B 383 -5.35 6.34 28.17
N TRP B 384 -5.46 5.01 28.24
CA TRP B 384 -6.62 4.38 28.86
C TRP B 384 -6.68 4.70 30.35
N GLN B 385 -5.53 4.88 31.01
CA GLN B 385 -5.57 5.30 32.42
C GLN B 385 -6.07 6.71 32.63
N ARG B 386 -5.88 7.61 31.65
CA ARG B 386 -6.03 9.03 31.95
C ARG B 386 -7.14 9.79 31.24
N VAL B 387 -7.65 9.27 30.11
CA VAL B 387 -8.64 9.98 29.28
C VAL B 387 -9.97 9.24 29.40
N GLU B 388 -10.93 9.84 30.07
CA GLU B 388 -12.25 9.21 30.27
C GLU B 388 -12.99 9.10 28.97
N MET B 389 -13.58 7.92 28.74
CA MET B 389 -14.45 7.68 27.60
C MET B 389 -15.80 7.13 28.11
N ARG B 390 -16.75 8.03 28.23
CA ARG B 390 -18.05 7.81 28.85
C ARG B 390 -19.09 7.22 27.92
N GLU B 391 -19.05 7.63 26.65
CA GLU B 391 -20.09 7.32 25.67
C GLU B 391 -19.66 6.23 24.67
N PRO B 392 -20.65 5.55 24.04
CA PRO B 392 -20.28 4.64 22.95
C PRO B 392 -19.61 5.35 21.74
N GLY B 393 -18.86 4.60 20.96
CA GLY B 393 -18.26 5.12 19.75
C GLY B 393 -17.20 6.18 19.98
N SER B 394 -16.46 6.02 21.05
CA SER B 394 -15.48 7.03 21.46
C SER B 394 -14.02 6.72 21.22
N TYR B 395 -13.71 5.51 20.71
CA TYR B 395 -12.34 5.08 20.52
C TYR B 395 -12.12 4.19 19.29
N TYR B 396 -11.10 4.49 18.49
CA TYR B 396 -10.71 3.66 17.33
C TYR B 396 -9.18 3.54 17.28
N PHE B 397 -8.65 2.29 17.27
CA PHE B 397 -7.22 1.99 17.20
C PHE B 397 -7.14 0.86 16.15
N PRO B 398 -6.07 0.82 15.32
CA PRO B 398 -6.03 -0.22 14.24
C PRO B 398 -6.12 -1.66 14.76
N ALA B 399 -7.17 -2.38 14.33
CA ALA B 399 -7.44 -3.72 14.87
C ALA B 399 -6.43 -4.82 14.51
N ALA B 400 -5.66 -4.63 13.43
CA ALA B 400 -4.53 -5.50 13.05
C ALA B 400 -3.17 -4.94 13.44
N GLY B 401 -3.17 -3.78 14.08
CA GLY B 401 -1.97 -3.05 14.36
C GLY B 401 -1.25 -2.46 13.16
N GLY B 402 -1.92 -2.35 12.01
CA GLY B 402 -1.33 -1.81 10.80
C GLY B 402 -1.31 -0.29 10.85
N LEU B 403 -0.13 0.28 10.88
CA LEU B 403 -0.03 1.71 10.99
C LEU B 403 -0.38 2.39 9.71
N GLY B 404 -0.83 3.64 9.81
CA GLY B 404 -1.42 4.38 8.67
C GLY B 404 -2.93 4.46 8.75
N PHE B 405 -3.52 3.76 9.73
CA PHE B 405 -4.97 3.86 10.05
C PHE B 405 -5.37 5.19 10.63
N GLY B 406 -4.51 5.77 11.48
CA GLY B 406 -4.90 6.89 12.34
C GLY B 406 -5.35 8.17 11.66
N LEU B 407 -4.48 8.78 10.86
CA LEU B 407 -4.87 10.03 10.19
C LEU B 407 -6.07 9.85 9.26
N PRO B 408 -6.08 8.79 8.41
CA PRO B 408 -7.24 8.60 7.52
C PRO B 408 -8.53 8.28 8.26
N ALA B 409 -8.48 7.35 9.22
CA ALA B 409 -9.69 6.97 9.95
C ALA B 409 -10.24 8.17 10.74
N ALA B 410 -9.38 9.02 11.28
CA ALA B 410 -9.90 10.22 11.96
C ALA B 410 -10.77 11.06 11.04
N VAL B 411 -10.32 11.21 9.80
CA VAL B 411 -11.06 11.96 8.80
C VAL B 411 -12.39 11.29 8.48
N GLY B 412 -12.36 9.97 8.27
CA GLY B 412 -13.64 9.27 7.98
C GLY B 412 -14.64 9.25 9.15
N VAL B 413 -14.15 9.07 10.37
CA VAL B 413 -14.99 9.12 11.57
C VAL B 413 -15.63 10.51 11.70
N GLN B 414 -14.83 11.54 11.51
CA GLN B 414 -15.34 12.91 11.60
C GLN B 414 -16.40 13.22 10.55
N LEU B 415 -16.26 12.66 9.35
CA LEU B 415 -17.27 12.77 8.32
C LEU B 415 -18.58 12.06 8.70
N ALA B 416 -18.49 10.86 9.31
CA ALA B 416 -19.64 10.08 9.77
C ALA B 416 -20.43 10.73 10.94
N ARG B 417 -19.73 11.44 11.80
CA ARG B 417 -20.27 11.98 13.06
C ARG B 417 -19.98 13.47 13.23
N PRO B 418 -20.57 14.30 12.35
CA PRO B 418 -20.23 15.71 12.35
C PRO B 418 -20.67 16.45 13.62
N GLU B 419 -21.56 15.85 14.39
CA GLU B 419 -22.06 16.48 15.63
C GLU B 419 -21.12 16.26 16.84
N ARG B 420 -20.09 15.40 16.70
CA ARG B 420 -19.12 15.11 17.74
C ARG B 420 -17.78 15.58 17.24
N ARG B 421 -16.81 15.76 18.13
CA ARG B 421 -15.50 16.29 17.71
C ARG B 421 -14.47 15.17 17.82
N VAL B 422 -13.75 14.96 16.71
CA VAL B 422 -12.71 13.94 16.62
C VAL B 422 -11.31 14.50 16.91
N ILE B 423 -10.61 13.82 17.84
CA ILE B 423 -9.25 14.13 18.26
C ILE B 423 -8.36 12.93 17.91
N GLY B 424 -7.45 13.14 16.98
CA GLY B 424 -6.50 12.12 16.59
C GLY B 424 -5.27 12.19 17.49
N VAL B 425 -4.84 11.05 17.99
CA VAL B 425 -3.68 11.00 18.87
C VAL B 425 -2.65 10.07 18.18
N ILE B 426 -1.67 10.67 17.50
CA ILE B 426 -0.89 9.95 16.50
C ILE B 426 0.61 10.09 16.79
N GLY B 427 1.41 9.03 16.66
CA GLY B 427 2.85 9.21 16.82
C GLY B 427 3.56 9.75 15.58
N ASP B 428 4.79 10.22 15.76
CA ASP B 428 5.59 10.70 14.62
C ASP B 428 5.93 9.61 13.58
N GLY B 429 6.00 8.37 14.04
CA GLY B 429 6.24 7.19 13.18
C GLY B 429 4.96 6.89 12.42
N SER B 430 3.85 6.73 13.15
CA SER B 430 2.57 6.32 12.55
C SER B 430 2.02 7.35 11.57
N ALA B 431 2.25 8.63 11.82
CA ALA B 431 1.69 9.68 10.94
C ALA B 431 2.12 9.50 9.49
N ASN B 432 3.36 9.09 9.28
CA ASN B 432 3.92 9.04 7.91
C ASN B 432 3.34 7.93 7.01
N TYR B 433 2.68 6.92 7.58
CA TYR B 433 2.05 5.88 6.77
C TYR B 433 0.74 6.35 6.18
N GLY B 434 0.15 7.44 6.69
CA GLY B 434 -1.15 7.96 6.19
C GLY B 434 -1.25 9.47 6.04
N ILE B 435 -0.11 10.07 5.73
CA ILE B 435 0.11 11.52 5.91
C ILE B 435 -0.81 12.35 4.99
N THR B 436 -1.14 11.86 3.79
CA THR B 436 -1.97 12.68 2.86
C THR B 436 -3.45 12.85 3.29
N ALA B 437 -3.93 12.13 4.31
CA ALA B 437 -5.23 12.39 4.91
C ALA B 437 -5.38 13.84 5.40
N LEU B 438 -4.26 14.46 5.79
CA LEU B 438 -4.31 15.89 6.15
C LEU B 438 -4.90 16.74 5.01
N TRP B 439 -4.54 16.43 3.77
CA TRP B 439 -5.02 17.18 2.62
C TRP B 439 -6.50 17.04 2.44
N THR B 440 -7.01 15.81 2.55
CA THR B 440 -8.46 15.61 2.42
C THR B 440 -9.20 16.39 3.53
N ALA B 441 -8.70 16.40 4.76
CA ALA B 441 -9.31 17.21 5.83
C ALA B 441 -9.39 18.71 5.45
N ALA B 442 -8.30 19.20 4.92
CA ALA B 442 -8.22 20.62 4.47
C ALA B 442 -9.21 20.89 3.33
N GLN B 443 -9.27 19.99 2.34
CA GLN B 443 -10.10 20.23 1.14
C GLN B 443 -11.59 20.22 1.42
N TYR B 444 -12.04 19.30 2.27
CA TYR B 444 -13.44 19.17 2.61
C TYR B 444 -13.84 19.84 3.94
N GLN B 445 -12.90 20.57 4.56
CA GLN B 445 -13.18 21.25 5.83
C GLN B 445 -13.73 20.34 6.91
N ILE B 446 -13.04 19.22 7.09
CA ILE B 446 -13.36 18.18 8.08
C ILE B 446 -12.50 18.46 9.32
N PRO B 447 -13.14 18.90 10.42
CA PRO B 447 -12.37 19.62 11.44
C PRO B 447 -11.72 18.76 12.55
N VAL B 448 -11.00 17.71 12.15
CA VAL B 448 -10.22 16.91 13.08
C VAL B 448 -9.17 17.75 13.82
N VAL B 449 -8.98 17.48 15.11
CA VAL B 449 -7.80 17.96 15.83
C VAL B 449 -6.73 16.85 15.78
N PHE B 450 -5.72 17.05 14.95
CA PHE B 450 -4.64 16.06 14.79
C PHE B 450 -3.50 16.36 15.76
N ILE B 451 -3.32 15.53 16.78
CA ILE B 451 -2.22 15.74 17.75
C ILE B 451 -1.09 14.77 17.43
N ILE B 452 0.09 15.31 17.13
CA ILE B 452 1.24 14.49 16.78
C ILE B 452 2.21 14.45 17.94
N LEU B 453 2.33 13.30 18.59
CA LEU B 453 3.30 13.12 19.66
C LEU B 453 4.66 12.80 19.07
N LYS B 454 5.64 13.72 19.27
CA LYS B 454 6.90 13.63 18.55
C LYS B 454 8.06 13.30 19.47
N ASN B 455 8.36 12.00 19.62
CA ASN B 455 9.42 11.56 20.48
C ASN B 455 10.70 11.19 19.78
N GLY B 456 10.72 11.28 18.45
CA GLY B 456 11.94 11.03 17.71
C GLY B 456 12.25 9.60 17.30
N THR B 457 11.40 8.68 17.71
CA THR B 457 11.72 7.25 17.61
C THR B 457 10.46 6.40 17.37
N TYR B 458 10.70 5.16 16.92
CA TYR B 458 9.69 4.12 16.97
C TYR B 458 9.69 3.52 18.41
N GLY B 459 9.03 4.22 19.32
CA GLY B 459 9.15 3.96 20.76
C GLY B 459 8.78 2.54 21.16
N ALA B 460 7.68 2.03 20.62
CA ALA B 460 7.25 0.67 21.00
C ALA B 460 8.25 -0.36 20.53
N LEU B 461 8.97 -0.08 19.45
CA LEU B 461 9.98 -1.03 18.97
C LEU B 461 11.20 -1.00 19.88
N ARG B 462 11.52 0.15 20.48
CA ARG B 462 12.57 0.15 21.55
C ARG B 462 12.17 -0.72 22.73
N TRP B 463 10.90 -0.70 23.10
CA TRP B 463 10.39 -1.59 24.16
C TRP B 463 10.59 -3.05 23.77
N PHE B 464 10.10 -3.44 22.60
CA PHE B 464 10.21 -4.83 22.16
C PHE B 464 11.64 -5.26 21.95
N ALA B 465 12.51 -4.38 21.47
CA ALA B 465 13.95 -4.68 21.36
C ALA B 465 14.51 -5.06 22.76
N GLY B 466 14.13 -4.31 23.78
CA GLY B 466 14.52 -4.64 25.17
C GLY B 466 13.99 -5.97 25.62
N VAL B 467 12.70 -6.24 25.37
CA VAL B 467 12.05 -7.51 25.73
C VAL B 467 12.72 -8.69 25.04
N LEU B 468 12.99 -8.53 23.75
CA LEU B 468 13.57 -9.62 22.96
C LEU B 468 15.08 -9.72 23.15
N GLN B 469 15.68 -8.83 23.95
CA GLN B 469 17.12 -8.75 24.17
C GLN B 469 17.93 -8.51 22.89
N VAL B 470 17.47 -7.55 22.09
CA VAL B 470 18.14 -7.12 20.86
C VAL B 470 18.68 -5.69 21.03
N SER B 471 19.98 -5.47 20.93
CA SER B 471 20.55 -4.12 21.22
C SER B 471 21.19 -3.37 20.04
N ASP B 472 21.31 -4.04 18.88
CA ASP B 472 21.96 -3.50 17.71
C ASP B 472 21.10 -3.54 16.42
N ALA B 473 19.79 -3.44 16.57
CA ALA B 473 18.95 -3.38 15.37
C ALA B 473 18.99 -1.96 14.77
N PRO B 474 19.09 -1.88 13.43
CA PRO B 474 18.93 -0.62 12.73
C PRO B 474 17.48 -0.20 12.57
N GLY B 475 17.29 1.07 12.18
CA GLY B 475 16.00 1.52 11.73
C GLY B 475 14.98 1.92 12.78
N LEU B 476 15.41 2.12 14.04
CA LEU B 476 14.45 2.42 15.10
C LEU B 476 14.19 3.89 15.35
N ASP B 477 14.98 4.77 14.74
CA ASP B 477 14.86 6.21 14.96
C ASP B 477 14.33 7.01 13.77
N VAL B 478 13.52 8.04 14.07
CA VAL B 478 12.85 8.87 13.06
C VAL B 478 13.15 10.38 13.30
N PRO B 479 14.45 10.76 13.30
CA PRO B 479 14.75 12.20 13.51
C PRO B 479 14.41 13.03 12.30
N GLY B 480 14.46 14.36 12.44
CA GLY B 480 14.41 15.22 11.29
C GLY B 480 13.06 15.32 10.59
N LEU B 481 11.99 15.37 11.37
CA LEU B 481 10.63 15.58 10.85
C LEU B 481 10.06 16.91 11.41
N ASP B 482 9.52 17.78 10.56
CA ASP B 482 8.86 19.01 10.99
C ASP B 482 7.39 18.94 10.58
N PHE B 483 6.52 18.53 11.49
CA PHE B 483 5.12 18.30 11.12
C PHE B 483 4.35 19.62 10.91
N CYS B 484 4.86 20.74 11.42
CA CYS B 484 4.20 22.04 11.13
C CYS B 484 4.38 22.37 9.65
N ALA B 485 5.58 22.13 9.12
CA ALA B 485 5.86 22.30 7.69
C ALA B 485 5.04 21.31 6.85
N ILE B 486 5.02 20.04 7.24
CA ILE B 486 4.22 19.06 6.47
C ILE B 486 2.72 19.42 6.50
N GLY B 487 2.17 19.74 7.66
CA GLY B 487 0.75 20.17 7.80
C GLY B 487 0.41 21.35 6.92
N ARG B 488 1.25 22.36 6.95
CA ARG B 488 1.04 23.54 6.13
C ARG B 488 1.12 23.21 4.63
N GLY B 489 2.06 22.34 4.27
CA GLY B 489 2.20 21.84 2.90
C GLY B 489 0.94 21.18 2.35
N TYR B 490 0.21 20.49 3.22
CA TYR B 490 -1.08 19.86 2.83
C TYR B 490 -2.29 20.78 3.13
N GLY B 491 -2.04 22.01 3.59
CA GLY B 491 -3.16 22.94 3.78
C GLY B 491 -3.78 23.07 5.16
N VAL B 492 -3.16 22.51 6.19
CA VAL B 492 -3.76 22.45 7.52
C VAL B 492 -3.00 23.46 8.43
N HIS B 493 -3.74 24.36 9.06
CA HIS B 493 -3.20 25.23 10.14
C HIS B 493 -2.47 24.39 11.17
N SER B 494 -1.20 24.73 11.43
CA SER B 494 -0.35 23.88 12.28
C SER B 494 0.38 24.71 13.32
N VAL B 495 0.54 24.14 14.53
CA VAL B 495 1.16 24.89 15.65
C VAL B 495 1.99 23.91 16.44
N GLN B 496 3.14 24.33 16.92
CA GLN B 496 3.93 23.50 17.84
C GLN B 496 3.68 23.90 19.29
N ALA B 497 3.48 22.92 20.16
CA ALA B 497 3.21 23.18 21.59
C ALA B 497 4.25 22.47 22.44
N ASN B 498 5.15 23.26 23.08
CA ASN B 498 6.25 22.68 23.87
C ASN B 498 6.01 22.54 25.38
N THR B 499 5.07 23.31 25.93
CA THR B 499 4.74 23.25 27.34
C THR B 499 3.29 22.89 27.55
N ARG B 500 2.96 22.52 28.79
CA ARG B 500 1.57 22.24 29.18
C ARG B 500 0.61 23.39 28.83
N GLU B 501 1.01 24.63 29.15
CA GLU B 501 0.18 25.80 28.81
C GLU B 501 0.00 26.09 27.33
N ALA B 502 1.08 25.92 26.58
CA ALA B 502 1.02 26.11 25.13
C ALA B 502 0.10 25.02 24.51
N PHE B 503 0.20 23.80 25.02
CA PHE B 503 -0.70 22.70 24.53
C PHE B 503 -2.18 22.97 24.88
N ALA B 504 -2.46 23.32 26.13
CA ALA B 504 -3.83 23.72 26.51
C ALA B 504 -4.39 24.82 25.60
N GLN B 505 -3.59 25.87 25.35
CA GLN B 505 -4.05 26.96 24.49
C GLN B 505 -4.33 26.48 23.08
N ALA B 506 -3.41 25.69 22.52
CA ALA B 506 -3.62 25.18 21.15
C ALA B 506 -4.84 24.27 21.06
N LEU B 507 -5.00 23.37 22.03
CA LEU B 507 -6.16 22.45 22.02
C LEU B 507 -7.47 23.21 22.17
N SER B 508 -7.52 24.16 23.13
CA SER B 508 -8.72 25.01 23.31
C SER B 508 -9.12 25.79 22.05
N GLU B 509 -8.15 26.42 21.40
CA GLU B 509 -8.39 27.20 20.17
C GLU B 509 -8.87 26.28 19.02
N ALA B 510 -8.20 25.15 18.83
CA ALA B 510 -8.64 24.16 17.82
C ALA B 510 -10.06 23.74 18.05
N LEU B 511 -10.41 23.39 19.30
CA LEU B 511 -11.76 22.93 19.62
C LEU B 511 -12.81 24.03 19.40
N ALA B 512 -12.45 25.28 19.64
CA ALA B 512 -13.36 26.43 19.44
C ALA B 512 -13.61 26.79 17.97
N GLY B 513 -12.74 26.35 17.06
CA GLY B 513 -12.88 26.63 15.64
C GLY B 513 -13.55 25.51 14.85
N ASP B 514 -13.66 25.67 13.54
CA ASP B 514 -14.29 24.64 12.69
C ASP B 514 -13.44 24.27 11.48
N ARG B 515 -12.13 24.40 11.63
CA ARG B 515 -11.15 23.97 10.66
C ARG B 515 -10.29 22.86 11.28
N PRO B 516 -9.77 21.96 10.44
CA PRO B 516 -8.75 21.05 10.97
C PRO B 516 -7.52 21.78 11.48
N VAL B 517 -6.88 21.20 12.51
CA VAL B 517 -5.65 21.75 13.06
C VAL B 517 -4.71 20.62 13.42
N LEU B 518 -3.43 20.84 13.14
CA LEU B 518 -2.36 19.94 13.51
C LEU B 518 -1.56 20.57 14.65
N ILE B 519 -1.45 19.83 15.75
CA ILE B 519 -0.73 20.31 16.96
C ILE B 519 0.45 19.35 17.18
N GLU B 520 1.68 19.87 17.00
CA GLU B 520 2.89 19.06 17.09
C GLU B 520 3.42 19.22 18.49
N VAL B 521 3.55 18.10 19.22
CA VAL B 521 3.95 18.09 20.62
C VAL B 521 5.20 17.24 20.83
N PRO B 522 6.38 17.89 20.98
CA PRO B 522 7.58 17.11 21.31
C PRO B 522 7.46 16.43 22.67
N THR B 523 7.73 15.13 22.74
CA THR B 523 7.53 14.33 23.97
C THR B 523 8.76 13.49 24.36
N LEU B 524 8.85 13.19 25.65
CA LEU B 524 9.83 12.20 26.18
C LEU B 524 9.41 10.78 25.79
N THR B 525 10.37 9.87 25.59
CA THR B 525 10.02 8.46 25.31
C THR B 525 9.45 7.76 26.53
#